data_8R06
#
_entry.id   8R06
#
_cell.length_a   53.621
_cell.length_b   83.295
_cell.length_c   177.480
_cell.angle_alpha   90.00
_cell.angle_beta   90.00
_cell.angle_gamma   90.00
#
_symmetry.space_group_name_H-M   'P 21 2 21'
#
loop_
_entity.id
_entity.type
_entity.pdbx_description
1 polymer Glucosylceramidase
2 non-polymer (1~{R},2~{S},3~{S},4~{S},5~{R},6~{R})-5-azanyl-6-(hydroxymethyl)cyclohexane-1,2,3,4-tetrol
3 non-polymer 'CALCIUM ION'
4 non-polymer GLYCEROL
5 non-polymer 'CHLORIDE ION'
6 water water
#
_entity_poly.entity_id   1
_entity_poly.type   'polypeptide(L)'
_entity_poly.pdbx_seq_one_letter_code
;AMALTGCSEKININEDKISHKIDIPDSAWTIGIGEKFKNAGHPNVKYPMIDDSYVQGAPLGGFGAGTIGRTYNGGFSRWH
LEIGKNKYTTVYANQFSVFQKVEGNKDGVAQVLYAGEPENGYLSSWKWDYPKESGMYYALYPNSWYTYTNKDLPVQLAVK
QFSPIIPYNYKETSYPVAVFKWTAYNPTNKNVDVSIMFTWQNMIGFFGKQVNVNSGNFNKIIKDKSKDSEIVAAVMGNIS
NDNEEWNGEYSIGVKKVPGVDISYKAKFVTTGDGSDLWHEFSKNGILDNKDDETPTKQDGIGSAIAVNFKLQPGQTIEVP
FALSWDLPIMKFGGGDKWYKMYTKYFGKNGKNSFAILKEALNNYQKWEKMIDDWQKPILSNKSKPDWYKTALFNELYYLA
DGGTAWENGKVGEKDKRTNNMFGLLECFDYNYYETLDVRFYGSFPLVMLWPDIEKQVMRQFADTINVQDSSEFKVGSNGA
MAVKKVQGMIPHDLGSSYALPWIKINAYDWQNPNIWKDLNSKYVLLVYRDYVLTGKTDKEFLKYTWKSVKTALDKLKEMD
KDNDGIPDNEGIPDQTYDTWSMKGTSAYCGSLWLAALKAAQEIGKVLKDNEAYIKYNEWYKIAQQNFEKELWNGEYYNFD
TESDHKDSIMADQLAGQWYADILRLGDILPKDHVQKALKKIYEFNVMKFENGKMGAVNGMRPDGIVDESDIQAQEVWTGV
TYALASFMKYRGMTEEAYNTAYGVYKMTYDKSGKGYWFRTPEAWTKDGNYRASMYMRPLSIWSMEVNYNEVLEHHHHHH
;
_entity_poly.pdbx_strand_id   A
#
loop_
_chem_comp.id
_chem_comp.type
_chem_comp.name
_chem_comp.formula
CA non-polymer 'CALCIUM ION' 'Ca 2'
CL non-polymer 'CHLORIDE ION' 'Cl -1'
GOL non-polymer GLYCEROL 'C3 H8 O3'
PO8 non-polymer (1~{R},2~{S},3~{S},4~{S},5~{R},6~{R})-5-azanyl-6-(hydroxymethyl)cyclohexane-1,2,3,4-tetrol 'C7 H16 N O5 1'
#
# COMPACT_ATOMS: atom_id res chain seq x y z
N ILE A 18 -2.74 -27.58 14.27
CA ILE A 18 -2.04 -27.33 12.97
C ILE A 18 -1.07 -26.17 13.13
N SER A 19 -1.42 -25.23 14.02
CA SER A 19 -0.54 -24.09 14.26
C SER A 19 0.71 -24.57 14.99
N HIS A 20 0.69 -25.83 15.46
CA HIS A 20 1.87 -26.44 16.05
C HIS A 20 2.87 -26.74 14.94
N LYS A 21 2.38 -27.08 13.74
CA LYS A 21 3.26 -27.52 12.67
C LYS A 21 3.63 -26.37 11.75
N ILE A 22 3.11 -25.15 12.03
CA ILE A 22 3.50 -23.96 11.30
C ILE A 22 3.82 -22.84 12.28
N ASP A 23 4.59 -21.86 11.81
CA ASP A 23 5.12 -20.83 12.68
C ASP A 23 4.49 -19.50 12.27
N ILE A 24 3.46 -19.07 13.01
CA ILE A 24 2.87 -17.76 12.78
C ILE A 24 3.33 -16.83 13.88
N PRO A 25 3.85 -15.63 13.54
CA PRO A 25 4.28 -14.70 14.58
C PRO A 25 3.10 -14.22 15.42
N ASP A 26 3.34 -14.05 16.72
CA ASP A 26 2.33 -13.53 17.63
C ASP A 26 1.84 -12.15 17.27
N SER A 27 2.60 -11.36 16.49
CA SER A 27 2.14 -10.05 16.09
C SER A 27 1.28 -10.07 14.81
N ALA A 28 0.94 -11.24 14.27
CA ALA A 28 0.05 -11.29 13.11
C ALA A 28 -1.31 -10.79 13.51
N TRP A 29 -1.91 -9.95 12.65
CA TRP A 29 -3.30 -9.57 12.81
C TRP A 29 -4.16 -10.81 12.60
N THR A 30 -5.20 -11.02 13.42
CA THR A 30 -5.95 -12.27 13.30
C THR A 30 -7.45 -11.98 13.31
N ILE A 31 -8.20 -12.83 12.62
CA ILE A 31 -9.65 -12.75 12.55
C ILE A 31 -10.15 -14.15 12.24
N GLY A 32 -11.37 -14.49 12.69
CA GLY A 32 -11.96 -15.76 12.32
C GLY A 32 -12.44 -15.77 10.85
N ILE A 33 -12.20 -16.88 10.16
CA ILE A 33 -12.78 -17.08 8.85
C ILE A 33 -14.31 -17.03 8.98
N GLY A 34 -14.93 -16.14 8.22
CA GLY A 34 -16.37 -15.97 8.20
C GLY A 34 -16.90 -15.09 9.35
N GLU A 35 -16.00 -14.42 10.07
CA GLU A 35 -16.38 -13.62 11.22
C GLU A 35 -17.10 -12.40 10.69
N LYS A 36 -18.23 -12.07 11.31
CA LYS A 36 -18.94 -10.84 11.02
C LYS A 36 -18.40 -9.79 11.99
N PHE A 37 -18.16 -8.60 11.46
CA PHE A 37 -17.63 -7.50 12.25
C PHE A 37 -18.78 -6.53 12.45
N LYS A 38 -19.04 -6.11 13.70
CA LYS A 38 -20.25 -5.35 13.96
C LYS A 38 -20.00 -3.83 13.94
N ASN A 39 -18.78 -3.41 14.14
CA ASN A 39 -18.59 -2.01 14.43
C ASN A 39 -18.27 -1.13 13.21
N ALA A 40 -18.46 -1.55 11.94
CA ALA A 40 -17.59 -1.01 10.89
C ALA A 40 -17.91 0.43 10.57
N GLY A 41 -16.89 1.20 10.16
CA GLY A 41 -17.15 2.55 9.71
C GLY A 41 -17.50 2.66 8.23
N HIS A 42 -17.97 3.86 7.84
CA HIS A 42 -18.38 4.20 6.51
C HIS A 42 -17.94 5.62 6.22
N PRO A 43 -17.95 6.08 4.96
CA PRO A 43 -17.53 7.42 4.60
C PRO A 43 -18.36 8.48 5.31
N ASN A 44 -17.71 9.59 5.69
CA ASN A 44 -18.38 10.65 6.44
C ASN A 44 -18.59 11.88 5.54
N VAL A 45 -18.48 11.72 4.22
CA VAL A 45 -18.58 12.84 3.30
C VAL A 45 -19.91 12.71 2.55
N LYS A 46 -20.28 13.75 1.80
CA LYS A 46 -21.55 13.81 1.09
C LYS A 46 -21.44 13.18 -0.29
N TYR A 47 -20.33 13.42 -0.99
CA TYR A 47 -20.09 12.88 -2.31
C TYR A 47 -19.82 11.36 -2.23
N PRO A 48 -20.08 10.58 -3.31
CA PRO A 48 -19.72 9.16 -3.36
C PRO A 48 -18.23 8.96 -3.08
N MET A 49 -17.99 7.91 -2.33
CA MET A 49 -16.65 7.57 -1.88
C MET A 49 -16.56 6.05 -1.77
N ILE A 50 -15.37 5.50 -2.12
CA ILE A 50 -15.18 4.07 -2.01
C ILE A 50 -15.41 3.53 -0.60
N ASP A 51 -16.20 2.45 -0.53
CA ASP A 51 -16.39 1.65 0.65
C ASP A 51 -16.59 0.21 0.24
N ASP A 52 -15.49 -0.56 0.33
CA ASP A 52 -15.48 -1.94 -0.11
C ASP A 52 -15.76 -2.90 1.04
N SER A 53 -16.16 -2.39 2.21
CA SER A 53 -16.51 -3.25 3.31
C SER A 53 -15.24 -3.64 4.07
N TYR A 54 -15.45 -4.25 5.24
CA TYR A 54 -14.35 -4.77 6.05
C TYR A 54 -13.81 -6.12 5.60
N VAL A 55 -14.38 -6.75 4.55
CA VAL A 55 -13.92 -8.07 4.12
C VAL A 55 -12.76 -7.84 3.16
N GLN A 56 -11.58 -7.76 3.78
CA GLN A 56 -10.31 -7.50 3.11
C GLN A 56 -9.26 -8.46 3.62
N GLY A 57 -8.10 -8.43 2.95
CA GLY A 57 -6.92 -9.10 3.45
C GLY A 57 -5.64 -8.52 2.86
N ALA A 58 -4.51 -9.17 3.19
CA ALA A 58 -3.22 -8.68 2.78
C ALA A 58 -3.10 -8.95 1.29
N PRO A 59 -2.62 -8.01 0.47
CA PRO A 59 -2.47 -8.23 -0.96
C PRO A 59 -1.36 -9.14 -1.38
N LEU A 60 -1.56 -9.71 -2.56
CA LEU A 60 -0.55 -10.48 -3.26
C LEU A 60 -0.14 -9.72 -4.53
N GLY A 61 1.15 -9.79 -4.81
CA GLY A 61 1.73 -9.15 -5.97
C GLY A 61 2.82 -8.14 -5.62
N GLY A 62 3.75 -8.01 -6.56
CA GLY A 62 4.88 -7.13 -6.38
C GLY A 62 4.59 -5.71 -6.84
N PHE A 63 5.55 -4.83 -6.53
CA PHE A 63 5.51 -3.42 -6.89
C PHE A 63 5.42 -3.26 -8.41
N GLY A 64 4.40 -2.52 -8.85
CA GLY A 64 4.19 -2.27 -10.25
C GLY A 64 3.58 -3.45 -11.00
N ALA A 65 3.29 -4.56 -10.33
CA ALA A 65 2.78 -5.74 -10.99
C ALA A 65 1.26 -5.75 -11.18
N GLY A 66 0.55 -4.87 -10.46
CA GLY A 66 -0.85 -5.05 -10.13
C GLY A 66 -0.99 -6.06 -9.00
N THR A 67 -1.90 -5.78 -8.06
CA THR A 67 -2.10 -6.62 -6.91
C THR A 67 -3.50 -7.20 -6.89
N ILE A 68 -3.59 -8.30 -6.17
CA ILE A 68 -4.79 -9.07 -5.94
C ILE A 68 -5.01 -9.19 -4.43
N GLY A 69 -6.11 -8.64 -3.94
CA GLY A 69 -6.47 -8.84 -2.55
C GLY A 69 -7.34 -10.07 -2.32
N ARG A 70 -6.81 -11.05 -1.59
CA ARG A 70 -7.57 -12.19 -1.14
C ARG A 70 -7.96 -11.91 0.31
N THR A 71 -9.26 -11.97 0.57
CA THR A 71 -9.82 -11.57 1.85
C THR A 71 -9.69 -12.70 2.89
N TYR A 72 -9.95 -12.33 4.16
CA TYR A 72 -9.92 -13.28 5.24
C TYR A 72 -11.01 -14.35 5.10
N ASN A 73 -12.04 -14.16 4.25
CA ASN A 73 -13.05 -15.18 3.98
C ASN A 73 -12.59 -16.16 2.88
N GLY A 74 -11.44 -15.86 2.25
CA GLY A 74 -10.85 -16.75 1.25
C GLY A 74 -10.99 -16.28 -0.21
N GLY A 75 -11.84 -15.30 -0.48
CA GLY A 75 -12.15 -14.90 -1.83
C GLY A 75 -11.08 -13.97 -2.43
N PHE A 76 -10.89 -14.12 -3.73
CA PHE A 76 -10.04 -13.18 -4.47
C PHE A 76 -10.96 -12.05 -4.94
N SER A 77 -10.89 -10.92 -4.21
CA SER A 77 -11.98 -9.94 -4.28
C SER A 77 -11.52 -8.53 -4.59
N ARG A 78 -10.34 -8.09 -4.13
CA ARG A 78 -9.94 -6.70 -4.35
C ARG A 78 -8.90 -6.61 -5.48
N TRP A 79 -9.35 -6.24 -6.68
CA TRP A 79 -8.51 -6.37 -7.87
C TRP A 79 -7.85 -5.03 -8.16
N HIS A 80 -6.53 -4.99 -8.13
CA HIS A 80 -5.79 -3.79 -8.49
C HIS A 80 -4.89 -4.11 -9.68
N LEU A 81 -5.35 -5.02 -10.53
CA LEU A 81 -4.57 -5.46 -11.69
C LEU A 81 -4.55 -4.42 -12.79
N GLU A 82 -5.62 -3.66 -12.95
CA GLU A 82 -5.64 -2.49 -13.81
C GLU A 82 -5.01 -1.32 -13.02
N ILE A 83 -3.82 -0.90 -13.44
CA ILE A 83 -2.96 -0.11 -12.58
C ILE A 83 -3.64 1.24 -12.37
N GLY A 84 -3.83 1.57 -11.09
CA GLY A 84 -4.44 2.83 -10.74
C GLY A 84 -5.93 2.72 -10.41
N LYS A 85 -6.52 1.54 -10.63
CA LYS A 85 -7.94 1.34 -10.40
C LYS A 85 -8.17 0.30 -9.29
N ASN A 86 -9.30 0.45 -8.61
CA ASN A 86 -9.72 -0.41 -7.52
C ASN A 86 -11.07 -1.04 -7.91
N LYS A 87 -11.11 -2.35 -8.03
CA LYS A 87 -12.32 -3.06 -8.43
C LYS A 87 -12.58 -4.17 -7.42
N TYR A 88 -13.64 -4.01 -6.61
CA TYR A 88 -13.96 -5.01 -5.60
C TYR A 88 -15.09 -5.89 -6.10
N THR A 89 -14.76 -7.12 -6.44
CA THR A 89 -15.73 -8.13 -6.87
C THR A 89 -15.08 -9.50 -6.71
N THR A 90 -15.78 -10.42 -6.02
CA THR A 90 -15.26 -11.77 -5.82
C THR A 90 -15.42 -12.52 -7.13
N VAL A 91 -14.30 -13.06 -7.64
CA VAL A 91 -14.34 -13.97 -8.76
C VAL A 91 -14.48 -15.36 -8.20
N TYR A 92 -15.72 -15.87 -8.21
CA TYR A 92 -16.04 -17.03 -7.43
C TYR A 92 -15.32 -18.31 -7.86
N ALA A 93 -14.93 -18.45 -9.14
CA ALA A 93 -14.21 -19.63 -9.57
C ALA A 93 -12.81 -19.71 -8.98
N ASN A 94 -12.27 -18.61 -8.45
CA ASN A 94 -10.89 -18.60 -7.94
C ASN A 94 -10.88 -19.05 -6.48
N GLN A 95 -10.46 -20.28 -6.21
CA GLN A 95 -10.57 -20.82 -4.87
C GLN A 95 -9.56 -21.92 -4.61
N PHE A 96 -9.36 -22.20 -3.32
CA PHE A 96 -8.88 -23.50 -2.87
C PHE A 96 -10.06 -24.31 -2.33
N SER A 97 -10.06 -25.59 -2.67
CA SER A 97 -11.05 -26.53 -2.21
C SER A 97 -10.35 -27.74 -1.59
N VAL A 98 -11.05 -28.46 -0.71
CA VAL A 98 -10.47 -29.65 -0.08
C VAL A 98 -11.43 -30.84 -0.19
N PHE A 99 -10.88 -32.03 -0.34
CA PHE A 99 -11.60 -33.29 -0.24
C PHE A 99 -10.94 -34.12 0.84
N GLN A 100 -11.75 -34.75 1.69
CA GLN A 100 -11.20 -35.69 2.66
C GLN A 100 -12.09 -36.93 2.78
N LYS A 101 -11.45 -38.07 2.89
CA LYS A 101 -12.15 -39.34 3.09
C LYS A 101 -11.40 -40.20 4.09
N VAL A 102 -12.08 -40.57 5.18
CA VAL A 102 -11.49 -41.42 6.20
C VAL A 102 -11.49 -42.87 5.71
N GLU A 103 -10.36 -43.55 5.83
CA GLU A 103 -10.32 -44.97 5.52
C GLU A 103 -11.40 -45.72 6.32
N GLY A 104 -12.29 -46.42 5.58
CA GLY A 104 -13.37 -47.20 6.18
C GLY A 104 -14.75 -46.60 5.94
N ASN A 105 -14.81 -45.40 5.35
CA ASN A 105 -16.06 -44.76 4.97
C ASN A 105 -16.34 -44.99 3.47
N LYS A 106 -17.63 -45.02 3.12
CA LYS A 106 -18.08 -45.16 1.74
C LYS A 106 -17.76 -43.87 0.97
N ASP A 107 -18.06 -42.72 1.61
CA ASP A 107 -17.98 -41.42 0.94
C ASP A 107 -17.00 -40.49 1.66
N GLY A 108 -16.46 -39.55 0.86
CA GLY A 108 -15.68 -38.45 1.41
C GLY A 108 -16.49 -37.16 1.38
N VAL A 109 -15.86 -36.06 1.82
CA VAL A 109 -16.52 -34.77 1.79
C VAL A 109 -15.62 -33.80 1.01
N ALA A 110 -16.25 -32.89 0.29
CA ALA A 110 -15.55 -31.86 -0.46
C ALA A 110 -16.16 -30.51 -0.07
N GLN A 111 -15.30 -29.48 0.00
CA GLN A 111 -15.68 -28.18 0.50
C GLN A 111 -14.77 -27.09 -0.08
N VAL A 112 -15.39 -26.06 -0.63
CA VAL A 112 -14.70 -24.84 -1.06
C VAL A 112 -14.29 -24.10 0.20
N LEU A 113 -13.03 -23.67 0.27
CA LEU A 113 -12.52 -22.88 1.40
C LEU A 113 -12.83 -21.39 1.22
N TYR A 114 -14.11 -21.11 1.26
CA TYR A 114 -14.67 -19.78 1.07
C TYR A 114 -15.89 -19.66 1.96
N ALA A 115 -15.87 -18.67 2.87
CA ALA A 115 -16.97 -18.41 3.79
C ALA A 115 -17.99 -17.48 3.14
N GLY A 116 -18.70 -18.01 2.17
CA GLY A 116 -19.70 -17.28 1.41
C GLY A 116 -20.18 -18.18 0.27
N GLU A 117 -20.99 -17.62 -0.61
CA GLU A 117 -21.46 -18.33 -1.77
C GLU A 117 -21.74 -17.33 -2.87
N PRO A 118 -21.81 -17.75 -4.14
CA PRO A 118 -22.19 -16.84 -5.22
C PRO A 118 -23.58 -16.26 -5.02
N GLU A 119 -23.83 -15.05 -5.58
CA GLU A 119 -25.11 -14.36 -5.41
C GLU A 119 -26.21 -15.03 -6.23
N ASN A 120 -26.17 -14.90 -7.55
CA ASN A 120 -27.12 -15.69 -8.33
C ASN A 120 -26.45 -17.01 -8.65
N GLY A 121 -25.76 -16.96 -9.78
CA GLY A 121 -25.98 -17.95 -10.79
C GLY A 121 -25.02 -19.10 -10.59
N TYR A 122 -23.71 -18.81 -10.73
CA TYR A 122 -22.86 -19.85 -11.30
C TYR A 122 -22.27 -20.73 -10.22
N LEU A 123 -21.77 -21.91 -10.64
CA LEU A 123 -21.04 -22.85 -9.80
C LEU A 123 -21.95 -23.39 -8.68
N SER A 124 -23.24 -23.60 -8.97
CA SER A 124 -24.17 -24.07 -7.97
C SER A 124 -23.77 -25.45 -7.46
N SER A 125 -22.98 -26.20 -8.24
CA SER A 125 -22.65 -27.55 -7.85
C SER A 125 -21.61 -27.63 -6.75
N TRP A 126 -20.82 -26.57 -6.57
CA TRP A 126 -19.71 -26.61 -5.64
C TRP A 126 -20.28 -26.49 -4.23
N LYS A 127 -19.55 -27.00 -3.25
CA LYS A 127 -19.96 -26.94 -1.85
C LYS A 127 -19.43 -25.65 -1.22
N TRP A 128 -20.33 -24.68 -1.06
CA TRP A 128 -20.04 -23.33 -0.60
C TRP A 128 -20.19 -23.22 0.92
N ASP A 129 -20.11 -21.97 1.42
CA ASP A 129 -20.44 -21.65 2.80
C ASP A 129 -19.56 -22.42 3.78
N TYR A 130 -18.24 -22.23 3.67
CA TYR A 130 -17.32 -22.72 4.67
C TYR A 130 -17.81 -22.24 6.04
N PRO A 131 -18.05 -23.15 7.00
CA PRO A 131 -18.72 -22.77 8.25
C PRO A 131 -17.86 -21.89 9.17
N LYS A 132 -18.59 -21.09 9.97
CA LYS A 132 -18.01 -20.26 11.00
C LYS A 132 -17.37 -21.09 12.10
N GLU A 133 -16.51 -20.39 12.87
CA GLU A 133 -15.80 -20.91 14.02
C GLU A 133 -15.02 -22.16 13.64
N SER A 134 -14.49 -22.19 12.40
CA SER A 134 -13.83 -23.36 11.85
C SER A 134 -12.49 -23.02 11.18
N GLY A 135 -11.89 -21.89 11.57
CA GLY A 135 -10.59 -21.53 11.01
C GLY A 135 -10.29 -20.06 11.27
N MET A 136 -9.03 -19.68 11.01
CA MET A 136 -8.54 -18.37 11.33
C MET A 136 -7.73 -17.84 10.15
N TYR A 137 -7.73 -16.51 10.02
CA TYR A 137 -6.86 -15.80 9.08
C TYR A 137 -5.88 -14.96 9.91
N TYR A 138 -4.62 -14.97 9.47
CA TYR A 138 -3.55 -14.22 10.08
C TYR A 138 -2.81 -13.40 9.02
N ALA A 139 -2.32 -12.20 9.37
CA ALA A 139 -1.55 -11.42 8.41
C ALA A 139 -0.41 -10.68 9.10
N LEU A 140 0.79 -10.80 8.53
CA LEU A 140 1.93 -9.99 8.89
C LEU A 140 2.67 -9.72 7.58
N TYR A 141 2.18 -8.69 6.89
CA TYR A 141 2.56 -8.41 5.51
C TYR A 141 4.08 -8.49 5.36
N PRO A 142 4.66 -9.13 4.32
CA PRO A 142 3.96 -9.65 3.14
C PRO A 142 3.39 -11.04 3.25
N ASN A 143 3.45 -11.64 4.46
CA ASN A 143 2.91 -12.96 4.66
C ASN A 143 1.48 -12.92 5.20
N SER A 144 0.66 -13.88 4.78
CA SER A 144 -0.59 -14.18 5.46
C SER A 144 -0.81 -15.68 5.52
N TRP A 145 -1.71 -16.09 6.41
CA TRP A 145 -1.99 -17.50 6.67
C TRP A 145 -3.49 -17.72 6.90
N TYR A 146 -3.92 -18.94 6.55
CA TYR A 146 -5.24 -19.45 6.88
C TYR A 146 -5.01 -20.82 7.55
N THR A 147 -5.72 -21.03 8.67
CA THR A 147 -5.80 -22.34 9.30
C THR A 147 -7.26 -22.83 9.24
N TYR A 148 -7.43 -24.13 9.05
CA TYR A 148 -8.73 -24.78 8.90
C TYR A 148 -8.85 -25.88 9.97
N THR A 149 -9.73 -25.65 10.94
CA THR A 149 -9.92 -26.56 12.07
C THR A 149 -11.42 -26.78 12.23
N ASN A 150 -11.88 -27.83 11.58
CA ASN A 150 -13.27 -28.07 11.23
C ASN A 150 -13.63 -29.46 11.69
N LYS A 151 -14.75 -29.62 12.39
CA LYS A 151 -15.04 -30.93 12.98
C LYS A 151 -15.33 -31.99 11.90
N ASP A 152 -15.71 -31.57 10.68
CA ASP A 152 -15.97 -32.52 9.61
C ASP A 152 -14.77 -32.71 8.68
N LEU A 153 -13.61 -32.16 9.05
CA LEU A 153 -12.38 -32.35 8.30
C LEU A 153 -11.34 -32.89 9.28
N PRO A 154 -11.23 -34.23 9.40
CA PRO A 154 -10.32 -34.81 10.38
C PRO A 154 -8.89 -34.37 10.18
N VAL A 155 -8.45 -34.14 8.94
CA VAL A 155 -7.11 -33.65 8.69
C VAL A 155 -7.12 -32.13 8.76
N GLN A 156 -6.14 -31.60 9.48
CA GLN A 156 -6.12 -30.14 9.66
C GLN A 156 -5.19 -29.52 8.62
N LEU A 157 -5.58 -28.36 8.11
CA LEU A 157 -4.83 -27.75 7.04
C LEU A 157 -4.45 -26.33 7.44
N ALA A 158 -3.32 -25.89 6.88
CA ALA A 158 -2.93 -24.49 6.94
C ALA A 158 -2.25 -24.11 5.63
N VAL A 159 -2.31 -22.83 5.30
CA VAL A 159 -1.58 -22.34 4.16
C VAL A 159 -0.88 -21.05 4.58
N LYS A 160 0.35 -20.89 4.05
CA LYS A 160 1.10 -19.66 4.13
C LYS A 160 1.16 -19.04 2.73
N GLN A 161 0.63 -17.82 2.56
CA GLN A 161 0.68 -17.21 1.22
C GLN A 161 1.45 -15.90 1.25
N PHE A 162 2.23 -15.65 0.18
CA PHE A 162 3.01 -14.43 0.13
C PHE A 162 3.49 -14.15 -1.30
N SER A 163 3.96 -12.91 -1.47
CA SER A 163 4.77 -12.46 -2.58
C SER A 163 6.13 -12.05 -2.02
N PRO A 164 7.21 -12.16 -2.82
CA PRO A 164 8.57 -11.81 -2.38
C PRO A 164 8.88 -10.33 -2.35
N ILE A 165 8.25 -9.63 -1.38
CA ILE A 165 8.47 -8.23 -1.14
C ILE A 165 9.65 -8.14 -0.17
N ILE A 166 10.77 -7.63 -0.68
CA ILE A 166 12.04 -7.71 0.04
C ILE A 166 12.77 -6.38 -0.04
N PRO A 167 12.99 -5.71 1.11
CA PRO A 167 13.77 -4.48 1.14
C PRO A 167 15.13 -4.64 0.43
N TYR A 168 15.56 -3.58 -0.25
CA TYR A 168 16.85 -3.46 -0.91
C TYR A 168 16.92 -4.40 -2.12
N ASN A 169 15.77 -4.97 -2.52
CA ASN A 169 15.65 -5.87 -3.65
C ASN A 169 14.65 -5.24 -4.60
N TYR A 170 15.08 -5.02 -5.85
CA TYR A 170 14.26 -4.33 -6.84
C TYR A 170 13.88 -5.31 -7.95
N LYS A 171 14.06 -6.61 -7.72
CA LYS A 171 13.85 -7.62 -8.74
C LYS A 171 12.63 -8.47 -8.36
N GLU A 172 12.80 -9.46 -7.47
CA GLU A 172 11.73 -10.28 -6.95
C GLU A 172 10.59 -9.41 -6.43
N THR A 173 10.91 -8.27 -5.84
CA THR A 173 9.93 -7.34 -5.28
C THR A 173 8.94 -6.86 -6.37
N SER A 174 9.35 -6.87 -7.66
CA SER A 174 8.52 -6.47 -8.78
C SER A 174 7.59 -7.58 -9.29
N TYR A 175 7.74 -8.82 -8.85
CA TYR A 175 7.18 -9.94 -9.60
C TYR A 175 5.69 -10.11 -9.38
N PRO A 176 4.94 -10.40 -10.46
CA PRO A 176 3.50 -10.71 -10.40
C PRO A 176 3.26 -12.17 -10.07
N VAL A 177 3.50 -12.53 -8.79
CA VAL A 177 3.48 -13.92 -8.40
C VAL A 177 3.09 -14.00 -6.93
N ALA A 178 2.50 -15.13 -6.59
CA ALA A 178 2.17 -15.46 -5.20
C ALA A 178 2.39 -16.95 -5.00
N VAL A 179 2.85 -17.31 -3.81
CA VAL A 179 3.01 -18.69 -3.42
C VAL A 179 2.06 -19.04 -2.28
N PHE A 180 1.52 -20.25 -2.34
CA PHE A 180 0.59 -20.80 -1.37
C PHE A 180 1.21 -22.11 -0.87
N LYS A 181 1.88 -22.05 0.28
CA LYS A 181 2.54 -23.21 0.87
C LYS A 181 1.59 -23.88 1.88
N TRP A 182 1.07 -25.03 1.48
CA TRP A 182 0.10 -25.77 2.27
C TRP A 182 0.81 -26.74 3.22
N THR A 183 0.24 -26.89 4.42
CA THR A 183 0.68 -27.91 5.37
C THR A 183 -0.56 -28.68 5.78
N ALA A 184 -0.44 -30.01 5.82
CA ALA A 184 -1.55 -30.87 6.21
C ALA A 184 -1.06 -31.85 7.26
N TYR A 185 -1.86 -32.01 8.32
CA TYR A 185 -1.50 -32.80 9.49
C TYR A 185 -2.70 -33.67 9.91
N ASN A 186 -2.44 -34.96 10.17
CA ASN A 186 -3.49 -35.89 10.58
C ASN A 186 -3.37 -36.18 12.08
N PRO A 187 -4.21 -35.56 12.94
CA PRO A 187 -4.15 -35.82 14.38
C PRO A 187 -4.90 -37.07 14.83
N THR A 188 -5.62 -37.76 13.92
CA THR A 188 -6.50 -38.86 14.28
C THR A 188 -5.73 -40.18 14.15
N ASN A 189 -6.41 -41.30 14.45
CA ASN A 189 -5.78 -42.61 14.45
C ASN A 189 -6.25 -43.41 13.24
N LYS A 190 -6.83 -42.73 12.23
CA LYS A 190 -7.20 -43.37 10.97
C LYS A 190 -6.40 -42.78 9.81
N ASN A 191 -6.20 -43.59 8.78
CA ASN A 191 -5.71 -43.12 7.50
C ASN A 191 -6.75 -42.18 6.89
N VAL A 192 -6.29 -41.05 6.32
CA VAL A 192 -7.19 -40.13 5.63
C VAL A 192 -6.62 -39.75 4.26
N ASP A 193 -7.45 -39.91 3.23
CA ASP A 193 -7.16 -39.44 1.89
C ASP A 193 -7.57 -37.96 1.81
N VAL A 194 -6.65 -37.16 1.29
CA VAL A 194 -6.78 -35.70 1.25
C VAL A 194 -6.45 -35.20 -0.16
N SER A 195 -7.27 -34.26 -0.65
CA SER A 195 -6.92 -33.54 -1.86
C SER A 195 -7.09 -32.05 -1.62
N ILE A 196 -6.21 -31.25 -2.25
CA ILE A 196 -6.29 -29.80 -2.25
C ILE A 196 -6.34 -29.41 -3.72
N MET A 197 -7.30 -28.55 -4.07
CA MET A 197 -7.49 -28.15 -5.45
C MET A 197 -7.48 -26.64 -5.54
N PHE A 198 -6.73 -26.14 -6.51
CA PHE A 198 -6.70 -24.72 -6.83
C PHE A 198 -7.44 -24.55 -8.15
N THR A 199 -8.44 -23.66 -8.15
CA THR A 199 -9.20 -23.32 -9.34
C THR A 199 -8.95 -21.85 -9.64
N TRP A 200 -8.93 -21.51 -10.93
CA TRP A 200 -8.75 -20.15 -11.39
C TRP A 200 -9.48 -19.92 -12.70
N GLN A 201 -10.19 -18.80 -12.80
CA GLN A 201 -10.78 -18.40 -14.06
C GLN A 201 -9.73 -17.75 -14.97
N ASN A 202 -9.89 -18.05 -16.26
CA ASN A 202 -9.14 -17.36 -17.27
C ASN A 202 -9.69 -15.96 -17.37
N MET A 203 -8.99 -15.02 -16.74
CA MET A 203 -9.51 -13.68 -16.56
C MET A 203 -9.01 -12.74 -17.64
N ILE A 204 -8.39 -13.27 -18.71
CA ILE A 204 -8.08 -12.39 -19.81
C ILE A 204 -9.39 -11.78 -20.33
N GLY A 205 -9.44 -10.45 -20.41
CA GLY A 205 -10.62 -9.70 -20.80
C GLY A 205 -11.43 -9.18 -19.63
N PHE A 206 -11.04 -9.49 -18.40
CA PHE A 206 -11.66 -8.95 -17.19
C PHE A 206 -11.65 -7.42 -17.21
N PHE A 207 -10.60 -6.78 -17.72
CA PHE A 207 -10.61 -5.35 -17.99
C PHE A 207 -9.85 -5.05 -19.26
N GLY A 208 -10.07 -3.85 -19.82
CA GLY A 208 -9.24 -3.31 -20.90
C GLY A 208 -9.74 -3.76 -22.26
N LYS A 209 -10.61 -4.76 -22.32
CA LYS A 209 -11.07 -5.29 -23.59
C LYS A 209 -12.48 -4.76 -23.81
N GLN A 210 -12.71 -4.10 -24.94
CA GLN A 210 -13.92 -3.28 -25.05
C GLN A 210 -15.13 -4.09 -25.53
N VAL A 211 -14.87 -5.20 -26.23
CA VAL A 211 -15.89 -6.04 -26.85
C VAL A 211 -15.41 -7.49 -26.69
N ASN A 212 -16.33 -8.44 -26.79
CA ASN A 212 -15.97 -9.86 -26.91
C ASN A 212 -15.04 -10.32 -25.77
N VAL A 213 -15.48 -10.18 -24.50
CA VAL A 213 -14.56 -10.21 -23.38
C VAL A 213 -13.91 -11.58 -23.11
N ASN A 214 -14.59 -12.69 -23.49
CA ASN A 214 -14.01 -14.01 -23.31
C ASN A 214 -13.44 -14.58 -24.62
N SER A 215 -13.76 -13.96 -25.75
CA SER A 215 -13.49 -14.56 -27.05
C SER A 215 -12.00 -14.82 -27.26
N GLY A 216 -11.69 -16.06 -27.65
CA GLY A 216 -10.32 -16.47 -27.95
C GLY A 216 -9.56 -16.94 -26.70
N ASN A 217 -10.17 -16.84 -25.52
CA ASN A 217 -9.50 -17.38 -24.34
C ASN A 217 -9.33 -18.88 -24.50
N PHE A 218 -8.21 -19.40 -24.02
CA PHE A 218 -8.00 -20.82 -24.01
C PHE A 218 -6.97 -21.16 -22.94
N ASN A 219 -6.99 -22.41 -22.52
CA ASN A 219 -6.16 -22.90 -21.44
C ASN A 219 -5.33 -24.09 -21.90
N LYS A 220 -4.07 -24.11 -21.47
CA LYS A 220 -3.18 -25.23 -21.75
C LYS A 220 -2.52 -25.72 -20.49
N ILE A 221 -2.08 -26.98 -20.54
CA ILE A 221 -1.42 -27.59 -19.40
C ILE A 221 0.05 -27.83 -19.75
N ILE A 222 0.96 -27.38 -18.87
CA ILE A 222 2.39 -27.57 -19.02
C ILE A 222 2.84 -28.55 -17.95
N LYS A 223 3.57 -29.59 -18.37
CA LYS A 223 4.14 -30.51 -17.42
C LYS A 223 5.65 -30.38 -17.52
N ASP A 224 6.31 -29.93 -16.45
CA ASP A 224 7.74 -29.76 -16.50
C ASP A 224 8.34 -30.88 -15.66
N LYS A 225 9.04 -31.81 -16.30
CA LYS A 225 9.57 -32.98 -15.61
C LYS A 225 11.11 -32.92 -15.58
N SER A 226 11.69 -31.96 -14.86
CA SER A 226 13.10 -31.91 -14.50
C SER A 226 13.29 -32.67 -13.19
N LYS A 227 14.39 -33.37 -13.01
CA LYS A 227 14.53 -34.27 -11.86
C LYS A 227 14.49 -33.49 -10.55
N ASP A 228 13.72 -34.05 -9.58
CA ASP A 228 13.49 -33.48 -8.26
C ASP A 228 12.71 -32.18 -8.35
N SER A 229 12.38 -31.81 -9.58
CA SER A 229 11.21 -31.04 -9.89
C SER A 229 10.26 -31.92 -10.74
N GLU A 230 9.00 -31.79 -10.45
CA GLU A 230 7.97 -31.96 -11.46
C GLU A 230 7.01 -30.83 -11.11
N ILE A 231 6.72 -29.99 -12.09
CA ILE A 231 5.71 -28.97 -11.94
C ILE A 231 4.61 -29.28 -12.94
N VAL A 232 3.38 -29.08 -12.51
CA VAL A 232 2.24 -29.11 -13.39
C VAL A 232 1.54 -27.75 -13.27
N ALA A 233 1.29 -27.14 -14.41
CA ALA A 233 0.75 -25.78 -14.43
C ALA A 233 -0.29 -25.64 -15.55
N ALA A 234 -1.28 -24.79 -15.28
CA ALA A 234 -2.25 -24.36 -16.27
C ALA A 234 -1.86 -22.95 -16.68
N VAL A 235 -1.87 -22.67 -17.98
CA VAL A 235 -1.64 -21.36 -18.52
C VAL A 235 -2.90 -20.94 -19.25
N MET A 236 -3.46 -19.83 -18.80
CA MET A 236 -4.73 -19.31 -19.22
C MET A 236 -4.46 -18.02 -19.99
N GLY A 237 -4.61 -18.07 -21.31
CA GLY A 237 -4.27 -16.92 -22.15
C GLY A 237 -5.33 -16.73 -23.24
N ASN A 238 -4.91 -16.16 -24.36
CA ASN A 238 -5.80 -15.83 -25.46
C ASN A 238 -5.03 -16.09 -26.75
N ILE A 239 -5.75 -16.48 -27.80
CA ILE A 239 -5.08 -16.80 -29.05
C ILE A 239 -4.53 -15.54 -29.70
N SER A 240 -5.02 -14.36 -29.36
CA SER A 240 -4.49 -13.14 -29.95
C SER A 240 -3.06 -12.85 -29.50
N ASN A 241 -2.28 -12.22 -30.40
CA ASN A 241 -0.95 -11.72 -30.09
C ASN A 241 -0.96 -10.20 -29.98
N ASP A 242 -2.14 -9.58 -29.93
CA ASP A 242 -2.24 -8.15 -29.72
C ASP A 242 -1.39 -7.74 -28.50
N ASN A 243 -0.70 -6.59 -28.59
CA ASN A 243 0.02 -6.01 -27.48
C ASN A 243 -0.87 -4.94 -26.86
N GLU A 244 -1.76 -5.37 -25.98
CA GLU A 244 -2.71 -4.46 -25.37
C GLU A 244 -2.76 -4.74 -23.89
N GLU A 245 -3.31 -3.79 -23.15
CA GLU A 245 -3.39 -3.88 -21.71
C GLU A 245 -4.09 -5.15 -21.28
N TRP A 246 -5.07 -5.60 -22.09
CA TRP A 246 -5.90 -6.72 -21.68
C TRP A 246 -5.24 -8.07 -21.89
N ASN A 247 -4.21 -8.15 -22.73
CA ASN A 247 -3.71 -9.45 -23.14
C ASN A 247 -2.48 -9.87 -22.35
N GLY A 248 -2.31 -11.17 -22.23
CA GLY A 248 -1.28 -11.78 -21.43
C GLY A 248 -1.73 -13.17 -21.00
N GLU A 249 -1.30 -13.60 -19.82
CA GLU A 249 -1.58 -14.94 -19.35
C GLU A 249 -1.62 -14.95 -17.83
N TYR A 250 -2.45 -15.81 -17.30
CA TYR A 250 -2.42 -16.22 -15.90
C TYR A 250 -1.95 -17.66 -15.85
N SER A 251 -1.24 -18.01 -14.76
CA SER A 251 -0.89 -19.40 -14.53
C SER A 251 -1.15 -19.79 -13.08
N ILE A 252 -1.66 -21.02 -12.88
CA ILE A 252 -1.63 -21.65 -11.59
C ILE A 252 -0.91 -22.98 -11.72
N GLY A 253 -0.32 -23.44 -10.61
CA GLY A 253 0.42 -24.68 -10.69
C GLY A 253 0.88 -25.15 -9.33
N VAL A 254 1.50 -26.34 -9.34
CA VAL A 254 1.93 -26.99 -8.14
C VAL A 254 3.23 -27.72 -8.45
N LYS A 255 4.00 -27.93 -7.41
CA LYS A 255 5.24 -28.68 -7.50
C LYS A 255 5.07 -30.03 -6.80
N LYS A 256 5.51 -31.09 -7.45
CA LYS A 256 5.33 -32.40 -6.87
C LYS A 256 6.28 -32.52 -5.68
N VAL A 257 5.78 -33.17 -4.62
CA VAL A 257 6.60 -33.53 -3.48
C VAL A 257 6.39 -35.02 -3.21
N PRO A 258 7.31 -35.69 -2.48
CA PRO A 258 7.13 -37.10 -2.17
C PRO A 258 5.80 -37.42 -1.48
N GLY A 259 5.09 -38.42 -2.00
CA GLY A 259 3.87 -38.91 -1.37
C GLY A 259 2.60 -38.20 -1.84
N VAL A 260 2.75 -37.31 -2.82
CA VAL A 260 1.63 -36.59 -3.42
C VAL A 260 1.54 -36.89 -4.91
N ASP A 261 0.32 -37.12 -5.42
CA ASP A 261 0.06 -37.21 -6.85
C ASP A 261 -0.63 -35.93 -7.30
N ILE A 262 -0.50 -35.61 -8.60
CA ILE A 262 -1.08 -34.39 -9.13
C ILE A 262 -2.15 -34.77 -10.16
N SER A 263 -3.27 -34.04 -10.16
CA SER A 263 -4.25 -34.18 -11.23
C SER A 263 -4.67 -32.80 -11.67
N TYR A 264 -5.33 -32.71 -12.82
CA TYR A 264 -5.67 -31.41 -13.35
C TYR A 264 -6.92 -31.50 -14.21
N LYS A 265 -7.46 -30.31 -14.45
CA LYS A 265 -8.47 -30.17 -15.49
C LYS A 265 -8.21 -28.85 -16.23
N ALA A 266 -7.97 -28.93 -17.56
CA ALA A 266 -7.58 -27.77 -18.30
C ALA A 266 -8.72 -26.77 -18.48
N LYS A 267 -9.94 -27.26 -18.67
CA LYS A 267 -11.00 -26.36 -19.08
C LYS A 267 -12.31 -26.77 -18.41
N PHE A 268 -12.80 -25.94 -17.50
CA PHE A 268 -14.16 -26.07 -17.03
C PHE A 268 -14.83 -24.72 -17.28
N VAL A 269 -16.17 -24.73 -17.37
CA VAL A 269 -16.94 -23.55 -17.70
C VAL A 269 -17.30 -22.79 -16.43
N THR A 270 -16.88 -21.53 -16.33
CA THR A 270 -17.14 -20.73 -15.13
C THR A 270 -18.53 -20.11 -15.21
N THR A 271 -19.05 -19.95 -16.42
CA THR A 271 -20.40 -19.41 -16.63
C THR A 271 -21.36 -20.60 -16.79
N GLY A 272 -21.28 -21.52 -15.84
CA GLY A 272 -22.16 -22.68 -15.78
C GLY A 272 -22.19 -23.15 -14.33
N ASP A 273 -22.72 -24.35 -14.09
CA ASP A 273 -22.97 -24.80 -12.72
C ASP A 273 -21.72 -25.41 -12.10
N GLY A 274 -20.64 -25.59 -12.88
CA GLY A 274 -19.40 -26.03 -12.31
C GLY A 274 -19.25 -27.54 -12.15
N SER A 275 -20.27 -28.33 -12.56
CA SER A 275 -20.32 -29.73 -12.17
C SER A 275 -19.40 -30.55 -13.07
N ASP A 276 -19.05 -29.98 -14.23
CA ASP A 276 -18.02 -30.50 -15.10
C ASP A 276 -16.75 -30.77 -14.27
N LEU A 277 -16.41 -29.86 -13.36
CA LEU A 277 -15.24 -30.10 -12.52
C LEU A 277 -15.63 -30.80 -11.23
N TRP A 278 -16.68 -30.28 -10.57
CA TRP A 278 -16.94 -30.66 -9.19
C TRP A 278 -17.33 -32.13 -9.04
N HIS A 279 -18.07 -32.71 -10.01
CA HIS A 279 -18.42 -34.13 -9.91
C HIS A 279 -17.19 -35.03 -9.87
N GLU A 280 -16.08 -34.58 -10.47
CA GLU A 280 -14.85 -35.33 -10.42
C GLU A 280 -14.25 -35.19 -9.03
N PHE A 281 -14.09 -33.94 -8.55
CA PHE A 281 -13.35 -33.73 -7.34
C PHE A 281 -14.10 -34.29 -6.13
N SER A 282 -15.42 -34.19 -6.14
CA SER A 282 -16.20 -34.53 -4.95
C SER A 282 -16.30 -36.06 -4.78
N LYS A 283 -16.00 -36.80 -5.84
CA LYS A 283 -16.05 -38.25 -5.78
C LYS A 283 -14.87 -38.78 -4.97
N ASN A 284 -13.65 -38.43 -5.40
CA ASN A 284 -12.45 -39.04 -4.86
C ASN A 284 -11.28 -38.05 -4.80
N GLY A 285 -11.54 -36.77 -5.07
CA GLY A 285 -10.49 -35.77 -4.96
C GLY A 285 -9.48 -35.85 -6.10
N ILE A 286 -9.87 -36.44 -7.23
CA ILE A 286 -8.96 -36.66 -8.34
C ILE A 286 -9.64 -36.18 -9.61
N LEU A 287 -8.93 -35.38 -10.41
CA LEU A 287 -9.50 -34.78 -11.60
C LEU A 287 -9.22 -35.67 -12.80
N ASP A 288 -9.78 -35.29 -13.95
CA ASP A 288 -9.81 -36.13 -15.15
C ASP A 288 -8.51 -36.09 -15.96
N ASN A 289 -7.60 -35.18 -15.63
CA ASN A 289 -6.42 -34.96 -16.45
C ASN A 289 -6.80 -34.71 -17.91
N LYS A 290 -7.89 -34.04 -18.16
CA LYS A 290 -8.33 -33.73 -19.52
C LYS A 290 -7.73 -32.40 -20.00
N ASP A 291 -6.83 -32.51 -20.99
CA ASP A 291 -6.33 -31.37 -21.76
C ASP A 291 -7.37 -31.00 -22.81
N ASP A 292 -7.53 -29.70 -23.07
CA ASP A 292 -8.44 -29.22 -24.08
C ASP A 292 -8.11 -27.76 -24.35
N GLU A 293 -7.47 -27.48 -25.49
CA GLU A 293 -7.03 -26.14 -25.84
C GLU A 293 -8.07 -25.39 -26.71
N THR A 294 -9.32 -25.88 -26.77
CA THR A 294 -10.34 -25.23 -27.56
C THR A 294 -10.59 -23.83 -27.00
N PRO A 295 -10.53 -22.78 -27.83
CA PRO A 295 -10.81 -21.42 -27.40
C PRO A 295 -12.32 -21.26 -27.18
N THR A 296 -12.65 -20.44 -26.19
CA THR A 296 -14.05 -20.14 -25.93
C THR A 296 -14.47 -18.96 -26.80
N LYS A 297 -15.79 -18.81 -26.94
CA LYS A 297 -16.39 -17.70 -27.67
C LYS A 297 -17.06 -16.76 -26.66
N GLN A 298 -18.17 -17.19 -26.06
CA GLN A 298 -18.85 -16.35 -25.08
C GLN A 298 -18.66 -16.84 -23.64
N ASP A 299 -18.61 -18.17 -23.42
CA ASP A 299 -18.51 -18.75 -22.09
C ASP A 299 -17.19 -18.35 -21.41
N GLY A 300 -17.26 -18.13 -20.10
CA GLY A 300 -16.07 -18.02 -19.28
C GLY A 300 -15.55 -19.42 -18.95
N ILE A 301 -14.21 -19.53 -18.93
CA ILE A 301 -13.52 -20.78 -18.70
C ILE A 301 -12.49 -20.58 -17.60
N GLY A 302 -12.07 -21.72 -17.05
CA GLY A 302 -11.12 -21.78 -15.95
C GLY A 302 -10.38 -23.12 -15.98
N SER A 303 -9.34 -23.20 -15.14
CA SER A 303 -8.52 -24.39 -14.99
C SER A 303 -8.45 -24.81 -13.53
N ALA A 304 -8.02 -26.06 -13.30
CA ALA A 304 -7.92 -26.60 -11.96
C ALA A 304 -6.68 -27.48 -11.86
N ILE A 305 -5.98 -27.32 -10.75
CA ILE A 305 -4.79 -28.12 -10.43
C ILE A 305 -5.02 -28.68 -9.04
N ALA A 306 -4.88 -30.01 -8.85
CA ALA A 306 -5.13 -30.63 -7.57
C ALA A 306 -3.98 -31.54 -7.18
N VAL A 307 -3.87 -31.78 -5.88
CA VAL A 307 -2.99 -32.82 -5.38
C VAL A 307 -3.81 -33.76 -4.53
N ASN A 308 -3.40 -35.03 -4.50
CA ASN A 308 -4.04 -36.00 -3.64
C ASN A 308 -2.95 -36.81 -2.97
N PHE A 309 -3.22 -37.18 -1.73
CA PHE A 309 -2.26 -37.92 -0.92
C PHE A 309 -3.01 -38.65 0.19
N LYS A 310 -2.34 -39.61 0.81
CA LYS A 310 -2.86 -40.33 1.96
C LYS A 310 -2.00 -39.99 3.18
N LEU A 311 -2.64 -39.49 4.23
CA LEU A 311 -1.95 -39.10 5.45
C LEU A 311 -2.19 -40.19 6.48
N GLN A 312 -1.11 -40.82 6.92
CA GLN A 312 -1.16 -41.72 8.06
C GLN A 312 -1.36 -40.95 9.36
N PRO A 313 -1.81 -41.64 10.44
CA PRO A 313 -1.89 -41.01 11.76
C PRO A 313 -0.57 -40.32 12.11
N GLY A 314 -0.65 -39.04 12.50
CA GLY A 314 0.48 -38.28 12.99
C GLY A 314 1.38 -37.71 11.89
N GLN A 315 0.99 -37.85 10.62
CA GLN A 315 1.87 -37.52 9.50
C GLN A 315 1.56 -36.08 9.07
N THR A 316 2.61 -35.37 8.65
CA THR A 316 2.55 -34.03 8.09
C THR A 316 3.03 -34.05 6.64
N ILE A 317 2.41 -33.23 5.79
CA ILE A 317 2.93 -33.08 4.43
C ILE A 317 2.82 -31.60 4.08
N GLU A 318 3.79 -31.11 3.29
CA GLU A 318 3.78 -29.73 2.84
C GLU A 318 3.84 -29.71 1.33
N VAL A 319 3.04 -28.88 0.69
CA VAL A 319 3.06 -28.85 -0.76
C VAL A 319 2.84 -27.41 -1.22
N PRO A 320 3.65 -26.90 -2.15
CA PRO A 320 3.48 -25.55 -2.68
C PRO A 320 2.72 -25.46 -4.00
N PHE A 321 1.78 -24.52 -3.99
CA PHE A 321 1.14 -24.04 -5.20
C PHE A 321 1.59 -22.61 -5.48
N ALA A 322 1.33 -22.15 -6.71
CA ALA A 322 1.65 -20.78 -7.06
C ALA A 322 0.66 -20.25 -8.09
N LEU A 323 0.63 -18.90 -8.18
CA LEU A 323 -0.19 -18.13 -9.09
C LEU A 323 0.74 -17.09 -9.70
N SER A 324 0.67 -16.88 -11.01
CA SER A 324 1.37 -15.80 -11.66
C SER A 324 0.46 -15.12 -12.67
N TRP A 325 0.78 -13.87 -12.98
CA TRP A 325 0.05 -13.11 -13.99
C TRP A 325 1.04 -12.30 -14.81
N ASP A 326 1.09 -12.60 -16.11
CA ASP A 326 1.94 -11.86 -17.01
C ASP A 326 1.03 -10.98 -17.85
N LEU A 327 0.82 -9.78 -17.38
CA LEU A 327 0.03 -8.74 -18.03
C LEU A 327 0.98 -7.58 -18.21
N PRO A 328 1.80 -7.59 -19.29
CA PRO A 328 2.95 -6.71 -19.36
C PRO A 328 2.71 -5.22 -19.55
N ILE A 329 1.51 -4.86 -20.03
CA ILE A 329 1.25 -3.50 -20.46
C ILE A 329 0.25 -2.88 -19.50
N MET A 330 0.61 -1.70 -18.99
CA MET A 330 -0.37 -0.88 -18.30
C MET A 330 -0.77 0.28 -19.21
N LYS A 331 -2.06 0.59 -19.24
CA LYS A 331 -2.52 1.72 -20.03
C LYS A 331 -3.23 2.70 -19.11
N PHE A 332 -2.95 3.98 -19.29
CA PHE A 332 -3.57 5.02 -18.49
C PHE A 332 -4.60 5.69 -19.36
N GLY A 333 -5.50 6.43 -18.73
CA GLY A 333 -6.70 6.91 -19.40
C GLY A 333 -6.42 7.98 -20.45
N GLY A 334 -5.26 8.65 -20.35
CA GLY A 334 -4.84 9.63 -21.35
C GLY A 334 -4.27 8.99 -22.60
N GLY A 335 -4.07 7.68 -22.59
CA GLY A 335 -3.70 6.95 -23.79
C GLY A 335 -2.32 6.27 -23.76
N ASP A 336 -1.41 6.68 -22.87
CA ASP A 336 -0.06 6.12 -22.79
C ASP A 336 -0.09 4.67 -22.29
N LYS A 337 0.72 3.86 -22.95
CA LYS A 337 0.93 2.47 -22.58
C LYS A 337 2.40 2.31 -22.21
N TRP A 338 2.62 1.62 -21.10
CA TRP A 338 3.94 1.38 -20.55
C TRP A 338 4.07 -0.09 -20.18
N TYR A 339 5.31 -0.62 -20.29
CA TYR A 339 5.61 -1.94 -19.78
C TYR A 339 5.85 -1.85 -18.29
N LYS A 340 5.38 -2.86 -17.57
CA LYS A 340 5.59 -2.96 -16.12
C LYS A 340 7.02 -3.43 -15.81
N MET A 341 7.50 -3.09 -14.63
CA MET A 341 8.89 -3.31 -14.25
C MET A 341 9.33 -4.77 -14.39
N TYR A 342 8.51 -5.76 -14.00
CA TYR A 342 8.94 -7.13 -14.01
C TYR A 342 9.34 -7.59 -15.42
N THR A 343 8.88 -6.90 -16.46
CA THR A 343 9.19 -7.29 -17.84
C THR A 343 10.69 -7.26 -18.08
N LYS A 344 11.44 -6.50 -17.25
CA LYS A 344 12.88 -6.47 -17.35
C LYS A 344 13.47 -7.86 -17.13
N TYR A 345 12.82 -8.65 -16.30
CA TYR A 345 13.35 -9.93 -15.86
C TYR A 345 12.71 -11.07 -16.63
N PHE A 346 11.52 -10.92 -17.20
CA PHE A 346 10.85 -12.06 -17.82
C PHE A 346 10.48 -11.86 -19.28
N GLY A 347 10.61 -10.62 -19.79
CA GLY A 347 10.18 -10.30 -21.14
C GLY A 347 8.86 -9.55 -21.20
N LYS A 348 8.57 -9.06 -22.39
CA LYS A 348 7.51 -8.10 -22.67
C LYS A 348 6.38 -8.68 -23.50
N ASN A 349 6.48 -9.92 -24.02
CA ASN A 349 5.52 -10.40 -25.01
C ASN A 349 4.24 -11.00 -24.38
N GLY A 350 4.15 -11.06 -23.04
CA GLY A 350 2.92 -11.53 -22.44
C GLY A 350 2.74 -13.05 -22.54
N LYS A 351 3.82 -13.80 -22.81
CA LYS A 351 3.68 -15.25 -22.86
C LYS A 351 4.63 -15.95 -21.91
N ASN A 352 4.76 -15.38 -20.70
CA ASN A 352 5.84 -15.73 -19.80
C ASN A 352 5.29 -16.14 -18.44
N SER A 353 3.98 -16.43 -18.31
CA SER A 353 3.43 -16.73 -16.98
C SER A 353 4.04 -18.01 -16.41
N PHE A 354 4.36 -18.99 -17.26
CA PHE A 354 4.89 -20.26 -16.75
C PHE A 354 6.29 -20.01 -16.18
N ALA A 355 7.11 -19.20 -16.88
CA ALA A 355 8.46 -18.93 -16.38
C ALA A 355 8.40 -18.29 -14.99
N ILE A 356 7.46 -17.37 -14.80
CA ILE A 356 7.29 -16.69 -13.52
C ILE A 356 6.87 -17.67 -12.44
N LEU A 357 5.89 -18.53 -12.73
CA LEU A 357 5.42 -19.54 -11.82
C LEU A 357 6.52 -20.52 -11.41
N LYS A 358 7.29 -20.98 -12.42
CA LYS A 358 8.36 -21.92 -12.17
C LYS A 358 9.40 -21.30 -11.23
N GLU A 359 9.77 -20.03 -11.50
CA GLU A 359 10.76 -19.36 -10.66
C GLU A 359 10.26 -19.39 -9.21
N ALA A 360 8.96 -19.14 -8.99
CA ALA A 360 8.43 -19.11 -7.64
C ALA A 360 8.43 -20.49 -7.02
N LEU A 361 7.99 -21.50 -7.79
CA LEU A 361 7.87 -22.83 -7.21
C LEU A 361 9.25 -23.43 -6.88
N ASN A 362 10.27 -23.03 -7.62
CA ASN A 362 11.62 -23.50 -7.35
C ASN A 362 12.42 -22.64 -6.37
N ASN A 363 11.95 -21.45 -5.96
CA ASN A 363 12.76 -20.55 -5.15
C ASN A 363 12.03 -20.04 -3.90
N TYR A 364 10.80 -20.53 -3.66
CA TYR A 364 9.97 -19.89 -2.63
C TYR A 364 10.60 -20.03 -1.25
N GLN A 365 11.33 -21.13 -1.00
CA GLN A 365 11.94 -21.36 0.32
C GLN A 365 13.03 -20.31 0.61
N LYS A 366 13.81 -19.92 -0.40
CA LYS A 366 14.76 -18.83 -0.29
C LYS A 366 14.03 -17.52 0.01
N TRP A 367 12.93 -17.28 -0.71
CA TRP A 367 12.17 -16.05 -0.51
C TRP A 367 11.62 -15.97 0.93
N GLU A 368 11.11 -17.07 1.45
CA GLU A 368 10.62 -17.12 2.82
C GLU A 368 11.71 -16.69 3.80
N LYS A 369 12.94 -17.18 3.56
CA LYS A 369 14.04 -16.88 4.47
C LYS A 369 14.45 -15.42 4.33
N MET A 370 14.37 -14.86 3.11
CA MET A 370 14.72 -13.45 2.91
C MET A 370 13.73 -12.53 3.65
N ILE A 371 12.45 -12.90 3.63
CA ILE A 371 11.42 -12.15 4.33
C ILE A 371 11.68 -12.25 5.84
N ASP A 372 11.95 -13.45 6.34
CA ASP A 372 12.26 -13.69 7.75
C ASP A 372 13.45 -12.84 8.19
N ASP A 373 14.52 -12.81 7.39
CA ASP A 373 15.72 -12.04 7.65
C ASP A 373 15.42 -10.55 7.79
N TRP A 374 14.52 -10.00 6.97
CA TRP A 374 14.27 -8.58 7.08
CA TRP A 374 14.22 -8.59 7.05
C TRP A 374 13.30 -8.28 8.22
N GLN A 375 12.41 -9.20 8.56
CA GLN A 375 11.44 -8.94 9.59
C GLN A 375 12.06 -9.15 10.99
N LYS A 376 13.12 -9.93 11.06
CA LYS A 376 13.62 -10.45 12.33
C LYS A 376 14.10 -9.34 13.27
N PRO A 377 14.83 -8.30 12.80
CA PRO A 377 15.31 -7.21 13.67
C PRO A 377 14.21 -6.54 14.50
N ILE A 378 13.06 -6.33 13.90
CA ILE A 378 11.93 -5.79 14.61
C ILE A 378 11.25 -6.89 15.43
N LEU A 379 10.92 -8.03 14.83
CA LEU A 379 10.13 -9.02 15.53
C LEU A 379 10.85 -9.50 16.78
N SER A 380 12.18 -9.60 16.73
CA SER A 380 12.96 -10.10 17.85
C SER A 380 13.21 -9.04 18.92
N ASN A 381 12.85 -7.78 18.69
CA ASN A 381 13.03 -6.73 19.66
C ASN A 381 11.89 -6.79 20.68
N LYS A 382 12.20 -7.33 21.85
CA LYS A 382 11.18 -7.56 22.86
C LYS A 382 10.85 -6.30 23.63
N SER A 383 11.49 -5.17 23.33
CA SER A 383 11.08 -3.93 24.00
C SER A 383 9.85 -3.32 23.32
N LYS A 384 9.53 -3.76 22.09
CA LYS A 384 8.44 -3.17 21.34
C LYS A 384 7.21 -4.05 21.49
N PRO A 385 6.05 -3.44 21.77
CA PRO A 385 4.80 -4.20 21.88
C PRO A 385 4.38 -4.87 20.57
N ASP A 386 3.72 -6.02 20.67
CA ASP A 386 3.25 -6.73 19.47
C ASP A 386 2.33 -5.85 18.62
N TRP A 387 1.45 -5.05 19.21
CA TRP A 387 0.52 -4.24 18.43
C TRP A 387 1.27 -3.34 17.45
N TYR A 388 2.39 -2.81 17.92
CA TYR A 388 3.14 -1.83 17.15
C TYR A 388 3.75 -2.51 15.92
N LYS A 389 4.20 -3.75 16.12
CA LYS A 389 4.72 -4.61 15.06
C LYS A 389 3.63 -4.96 14.05
N THR A 390 2.41 -5.26 14.54
CA THR A 390 1.29 -5.53 13.68
C THR A 390 1.10 -4.38 12.70
N ALA A 391 1.09 -3.15 13.24
CA ALA A 391 0.82 -1.97 12.45
C ALA A 391 1.99 -1.66 11.51
N LEU A 392 3.22 -1.75 12.00
CA LEU A 392 4.37 -1.39 11.18
C LEU A 392 4.42 -2.26 9.93
N PHE A 393 4.26 -3.57 10.09
CA PHE A 393 4.39 -4.45 8.93
C PHE A 393 3.15 -4.37 8.06
N ASN A 394 1.95 -4.39 8.67
CA ASN A 394 0.73 -4.45 7.87
C ASN A 394 0.45 -3.15 7.12
N GLU A 395 0.92 -1.98 7.61
CA GLU A 395 0.71 -0.73 6.89
C GLU A 395 1.47 -0.77 5.54
N LEU A 396 2.54 -1.57 5.46
CA LEU A 396 3.30 -1.70 4.25
C LEU A 396 2.49 -2.28 3.07
N TYR A 397 1.32 -2.86 3.32
CA TYR A 397 0.47 -3.38 2.25
C TYR A 397 0.32 -2.33 1.13
N TYR A 398 0.30 -1.05 1.52
CA TYR A 398 -0.09 0.01 0.61
C TYR A 398 0.99 0.22 -0.46
N LEU A 399 2.25 -0.10 -0.15
CA LEU A 399 3.31 0.10 -1.16
C LEU A 399 3.04 -0.69 -2.44
N ALA A 400 2.55 -1.92 -2.29
CA ALA A 400 2.14 -2.71 -3.44
C ALA A 400 0.70 -2.37 -3.87
N ASP A 401 -0.19 -2.09 -2.91
CA ASP A 401 -1.62 -2.02 -3.22
C ASP A 401 -2.07 -0.64 -3.68
N GLY A 402 -1.21 0.37 -3.61
CA GLY A 402 -1.63 1.74 -3.89
C GLY A 402 -1.52 2.12 -5.36
N GLY A 403 -1.93 1.25 -6.26
CA GLY A 403 -2.00 1.65 -7.66
C GLY A 403 -0.61 1.81 -8.25
N THR A 404 0.34 1.06 -7.69
CA THR A 404 1.75 1.35 -7.88
C THR A 404 2.15 1.14 -9.34
N ALA A 405 2.76 2.15 -9.92
CA ALA A 405 3.17 2.10 -11.33
C ALA A 405 4.70 2.18 -11.39
N TRP A 406 5.33 1.26 -12.12
CA TRP A 406 6.77 1.22 -12.14
C TRP A 406 7.18 0.78 -13.54
N GLU A 407 7.63 1.73 -14.37
CA GLU A 407 7.68 1.45 -15.81
C GLU A 407 9.04 0.95 -16.30
N ASN A 408 8.97 0.10 -17.34
CA ASN A 408 10.13 -0.42 -18.05
C ASN A 408 9.99 -0.14 -19.54
N GLY A 409 9.65 1.11 -19.86
CA GLY A 409 9.59 1.63 -21.21
C GLY A 409 8.18 1.95 -21.67
N LYS A 410 8.06 2.91 -22.57
CA LYS A 410 6.80 3.21 -23.22
C LYS A 410 6.63 2.23 -24.38
N VAL A 411 5.42 1.74 -24.60
CA VAL A 411 5.20 0.79 -25.66
C VAL A 411 5.50 1.52 -26.99
N GLY A 412 6.36 0.87 -27.81
CA GLY A 412 6.86 1.46 -29.05
C GLY A 412 8.05 2.42 -28.87
N GLU A 413 8.59 2.58 -27.66
CA GLU A 413 9.63 3.58 -27.41
C GLU A 413 10.91 3.11 -28.11
N LYS A 414 11.56 4.06 -28.81
CA LYS A 414 12.79 3.82 -29.54
C LYS A 414 13.99 3.98 -28.59
N ASP A 415 14.35 5.21 -28.22
CA ASP A 415 15.56 5.47 -27.46
C ASP A 415 15.52 4.73 -26.13
N LYS A 416 16.52 3.85 -25.90
CA LYS A 416 16.64 3.14 -24.62
C LYS A 416 16.77 4.18 -23.51
N ARG A 417 16.52 3.75 -22.26
CA ARG A 417 16.51 4.66 -21.12
C ARG A 417 17.23 4.04 -19.93
N THR A 418 17.61 4.89 -18.97
CA THR A 418 18.49 4.48 -17.88
C THR A 418 17.67 4.19 -16.62
N ASN A 419 16.56 4.92 -16.46
CA ASN A 419 15.82 4.85 -15.21
C ASN A 419 14.43 4.30 -15.47
N ASN A 420 13.80 3.85 -14.39
CA ASN A 420 12.46 3.27 -14.39
C ASN A 420 11.60 4.16 -13.51
N MET A 421 10.71 4.94 -14.11
CA MET A 421 9.93 5.86 -13.34
C MET A 421 8.96 5.08 -12.45
N PHE A 422 8.62 5.72 -11.32
CA PHE A 422 7.81 5.07 -10.31
C PHE A 422 6.75 6.05 -9.83
N GLY A 423 5.62 5.49 -9.42
CA GLY A 423 4.61 6.26 -8.73
C GLY A 423 3.71 5.40 -7.84
N LEU A 424 3.40 5.95 -6.66
CA LEU A 424 2.39 5.45 -5.73
C LEU A 424 1.25 6.44 -5.66
N LEU A 425 0.00 5.97 -5.73
CA LEU A 425 -1.15 6.86 -5.61
C LEU A 425 -1.28 7.41 -4.18
N GLU A 426 -1.79 8.64 -4.09
CA GLU A 426 -2.26 9.18 -2.81
C GLU A 426 -3.31 8.23 -2.24
N CYS A 427 -4.27 7.85 -3.08
CA CYS A 427 -5.37 6.94 -2.77
C CYS A 427 -6.15 6.72 -4.08
N PHE A 428 -7.25 5.97 -4.02
CA PHE A 428 -8.05 5.69 -5.21
C PHE A 428 -9.12 6.77 -5.42
N ASP A 429 -9.66 7.35 -4.34
CA ASP A 429 -10.68 8.39 -4.46
C ASP A 429 -10.09 9.69 -5.01
N TYR A 430 -8.85 9.98 -4.64
CA TYR A 430 -8.13 11.13 -5.17
C TYR A 430 -6.92 10.56 -5.92
N ASN A 431 -7.15 10.29 -7.20
CA ASN A 431 -6.32 9.38 -7.98
C ASN A 431 -5.16 10.19 -8.54
N TYR A 432 -4.22 10.54 -7.65
CA TYR A 432 -3.07 11.38 -7.97
C TYR A 432 -1.78 10.65 -7.57
N TYR A 433 -0.81 10.61 -8.48
CA TYR A 433 0.46 9.95 -8.21
C TYR A 433 1.44 10.88 -7.48
N GLU A 434 2.02 10.34 -6.40
CA GLU A 434 3.12 10.92 -5.64
C GLU A 434 2.78 12.30 -5.07
N THR A 435 1.56 12.50 -4.63
CA THR A 435 1.22 13.77 -4.04
C THR A 435 2.31 14.16 -3.02
N LEU A 436 2.99 15.27 -3.30
CA LEU A 436 4.23 15.61 -2.62
C LEU A 436 3.93 15.99 -1.17
N ASP A 437 2.82 16.68 -0.93
CA ASP A 437 2.47 17.09 0.43
C ASP A 437 2.13 15.89 1.31
N VAL A 438 1.75 14.78 0.69
CA VAL A 438 1.38 13.55 1.38
C VAL A 438 2.60 12.64 1.54
N ARG A 439 3.44 12.59 0.52
CA ARG A 439 4.60 11.72 0.54
C ARG A 439 5.63 12.24 1.55
N PHE A 440 5.56 13.52 1.90
CA PHE A 440 6.38 14.07 2.98
C PHE A 440 6.21 13.24 4.26
N TYR A 441 5.00 12.69 4.46
CA TYR A 441 4.70 11.75 5.53
C TYR A 441 4.82 10.28 5.09
N GLY A 442 4.26 9.95 3.92
CA GLY A 442 4.06 8.57 3.51
C GLY A 442 5.26 7.84 2.89
N SER A 443 6.34 8.55 2.58
CA SER A 443 7.44 7.96 1.83
C SER A 443 8.51 7.35 2.75
N PHE A 444 8.36 7.34 4.06
CA PHE A 444 9.38 6.79 4.96
C PHE A 444 9.79 5.35 4.63
N PRO A 445 8.86 4.40 4.36
CA PRO A 445 9.27 3.04 4.05
C PRO A 445 10.11 2.99 2.79
N LEU A 446 9.82 3.85 1.82
CA LEU A 446 10.58 3.83 0.57
C LEU A 446 12.02 4.29 0.82
N VAL A 447 12.25 5.42 1.52
CA VAL A 447 13.62 5.86 1.78
C VAL A 447 14.35 4.84 2.66
N MET A 448 13.64 4.23 3.63
CA MET A 448 14.28 3.35 4.57
C MET A 448 14.53 1.94 4.01
N LEU A 449 13.68 1.46 3.07
CA LEU A 449 13.67 0.07 2.66
C LEU A 449 13.92 -0.14 1.17
N TRP A 450 13.55 0.86 0.33
CA TRP A 450 13.78 0.83 -1.11
C TRP A 450 14.31 2.17 -1.57
N PRO A 451 15.49 2.56 -1.05
CA PRO A 451 16.02 3.90 -1.33
C PRO A 451 16.27 4.26 -2.80
N ASP A 452 16.62 3.30 -3.65
CA ASP A 452 16.79 3.63 -5.07
C ASP A 452 15.49 4.11 -5.72
N ILE A 453 14.34 3.60 -5.28
CA ILE A 453 13.04 4.04 -5.76
C ILE A 453 12.78 5.45 -5.24
N GLU A 454 13.04 5.66 -3.95
CA GLU A 454 12.81 6.97 -3.36
C GLU A 454 13.60 8.08 -4.11
N LYS A 455 14.91 7.86 -4.36
CA LYS A 455 15.73 8.88 -5.03
C LYS A 455 15.24 9.13 -6.47
N GLN A 456 14.79 8.06 -7.16
CA GLN A 456 14.17 8.20 -8.49
C GLN A 456 12.97 9.12 -8.44
N VAL A 457 12.07 8.90 -7.46
CA VAL A 457 10.88 9.74 -7.39
C VAL A 457 11.28 11.21 -7.20
N MET A 458 12.25 11.42 -6.29
CA MET A 458 12.66 12.78 -6.01
C MET A 458 13.35 13.44 -7.21
N ARG A 459 14.08 12.65 -8.02
CA ARG A 459 14.61 13.21 -9.26
C ARG A 459 13.47 13.56 -10.21
N GLN A 460 12.38 12.79 -10.21
CA GLN A 460 11.20 13.12 -11.02
C GLN A 460 10.69 14.50 -10.65
N PHE A 461 10.57 14.78 -9.35
CA PHE A 461 10.16 16.09 -8.89
C PHE A 461 11.17 17.16 -9.31
N ALA A 462 12.46 16.90 -9.11
CA ALA A 462 13.48 17.88 -9.48
C ALA A 462 13.28 18.29 -10.94
N ASP A 463 13.02 17.29 -11.79
CA ASP A 463 12.89 17.55 -13.21
C ASP A 463 11.68 18.41 -13.56
N THR A 464 10.72 18.57 -12.66
CA THR A 464 9.51 19.32 -12.95
C THR A 464 9.62 20.78 -12.55
N ILE A 465 10.63 21.17 -11.73
CA ILE A 465 10.56 22.44 -11.03
C ILE A 465 10.37 23.57 -12.04
N ASN A 466 11.13 23.54 -13.14
CA ASN A 466 11.09 24.65 -14.07
C ASN A 466 10.15 24.40 -15.26
N VAL A 467 9.30 23.36 -15.20
CA VAL A 467 8.20 23.22 -16.15
C VAL A 467 7.21 24.37 -15.97
N GLN A 468 6.76 24.88 -17.13
CA GLN A 468 5.74 25.92 -17.21
C GLN A 468 4.68 25.39 -18.17
N ASP A 469 3.44 25.42 -17.70
CA ASP A 469 2.28 25.11 -18.51
C ASP A 469 1.26 26.20 -18.24
N SER A 470 1.15 27.11 -19.22
CA SER A 470 0.32 28.30 -19.10
C SER A 470 -1.13 28.04 -19.49
N SER A 471 -1.49 26.84 -19.93
CA SER A 471 -2.91 26.54 -20.07
C SER A 471 -3.57 26.59 -18.69
N GLU A 472 -4.87 26.85 -18.67
CA GLU A 472 -5.57 27.15 -17.43
C GLU A 472 -6.61 26.06 -17.12
N PHE A 473 -6.97 25.96 -15.84
CA PHE A 473 -7.91 24.96 -15.36
C PHE A 473 -8.83 25.66 -14.37
N LYS A 474 -10.05 25.15 -14.25
CA LYS A 474 -10.99 25.65 -13.26
C LYS A 474 -10.67 25.03 -11.90
N VAL A 475 -10.46 25.88 -10.91
CA VAL A 475 -10.25 25.50 -9.51
C VAL A 475 -11.58 25.10 -8.87
N GLY A 476 -11.63 23.89 -8.30
CA GLY A 476 -12.85 23.34 -7.74
C GLY A 476 -13.39 24.13 -6.55
N SER A 477 -12.53 24.68 -5.68
CA SER A 477 -12.99 25.29 -4.44
C SER A 477 -13.79 26.56 -4.71
N ASN A 478 -13.48 27.29 -5.80
CA ASN A 478 -14.04 28.63 -5.96
C ASN A 478 -14.34 28.99 -7.40
N GLY A 479 -14.18 28.07 -8.37
CA GLY A 479 -14.56 28.30 -9.75
C GLY A 479 -13.65 29.23 -10.56
N ALA A 480 -12.55 29.76 -9.99
CA ALA A 480 -11.66 30.63 -10.75
C ALA A 480 -10.75 29.80 -11.66
N MET A 481 -10.21 30.46 -12.70
CA MET A 481 -9.25 29.86 -13.62
C MET A 481 -7.84 30.10 -13.09
N ALA A 482 -6.94 29.11 -13.26
CA ALA A 482 -5.55 29.25 -12.83
C ALA A 482 -4.64 28.52 -13.80
N VAL A 483 -3.41 28.99 -13.88
CA VAL A 483 -2.36 28.34 -14.64
C VAL A 483 -2.04 26.96 -14.03
N LYS A 484 -1.94 25.98 -14.92
CA LYS A 484 -1.66 24.60 -14.55
C LYS A 484 -0.34 24.47 -13.78
N LYS A 485 0.75 25.05 -14.30
CA LYS A 485 2.05 24.81 -13.70
C LYS A 485 2.94 26.04 -13.89
N VAL A 486 3.39 26.60 -12.76
CA VAL A 486 4.22 27.79 -12.72
C VAL A 486 5.68 27.42 -12.49
N GLN A 487 6.55 28.08 -13.26
CA GLN A 487 7.98 27.88 -13.20
C GLN A 487 8.45 28.15 -11.78
N GLY A 488 9.24 27.21 -11.22
CA GLY A 488 9.81 27.39 -9.90
C GLY A 488 8.97 26.83 -8.77
N MET A 489 7.72 26.44 -9.07
CA MET A 489 6.84 25.86 -8.08
C MET A 489 6.79 24.34 -8.28
N ILE A 490 7.04 23.63 -7.17
CA ILE A 490 6.94 22.19 -7.15
C ILE A 490 5.51 21.78 -7.39
N PRO A 491 5.28 20.73 -8.21
CA PRO A 491 3.90 20.28 -8.45
C PRO A 491 3.30 19.55 -7.24
N HIS A 492 1.97 19.59 -7.14
CA HIS A 492 1.25 18.82 -6.16
C HIS A 492 1.43 17.31 -6.38
N ASP A 493 1.40 16.90 -7.64
CA ASP A 493 1.36 15.50 -8.03
C ASP A 493 1.95 15.31 -9.43
N LEU A 494 2.25 14.04 -9.77
CA LEU A 494 2.81 13.68 -11.05
C LEU A 494 1.78 13.02 -11.97
N GLY A 495 0.52 13.42 -11.82
CA GLY A 495 -0.51 12.97 -12.76
C GLY A 495 -1.53 12.03 -12.10
N SER A 496 -2.48 11.59 -12.94
CA SER A 496 -3.54 10.67 -12.57
C SER A 496 -3.54 9.44 -13.48
N SER A 497 -3.86 8.26 -12.92
CA SER A 497 -4.03 7.06 -13.73
C SER A 497 -5.15 7.22 -14.78
N TYR A 498 -6.06 8.18 -14.60
CA TYR A 498 -7.10 8.47 -15.61
C TYR A 498 -6.56 9.34 -16.75
N ALA A 499 -5.32 9.85 -16.60
CA ALA A 499 -4.75 10.82 -17.53
C ALA A 499 -3.36 10.35 -17.93
N LEU A 500 -2.29 11.09 -17.61
CA LEU A 500 -0.97 10.72 -18.11
C LEU A 500 0.06 10.83 -17.00
N PRO A 501 0.18 9.78 -16.16
CA PRO A 501 1.23 9.76 -15.12
C PRO A 501 2.60 10.08 -15.71
N TRP A 502 3.35 10.89 -14.96
CA TRP A 502 4.72 11.31 -15.23
C TRP A 502 4.81 12.32 -16.35
N ILE A 503 3.78 12.44 -17.18
CA ILE A 503 3.86 13.26 -18.39
C ILE A 503 3.09 14.55 -18.17
N LYS A 504 1.86 14.46 -17.72
CA LYS A 504 1.05 15.60 -17.36
C LYS A 504 0.90 15.64 -15.84
N ILE A 505 1.61 16.58 -15.23
CA ILE A 505 1.63 16.75 -13.77
C ILE A 505 0.51 17.70 -13.33
N ASN A 506 0.25 17.78 -12.00
CA ASN A 506 -0.76 18.68 -11.46
C ASN A 506 -2.16 18.30 -11.94
N ALA A 507 -2.50 17.02 -11.80
CA ALA A 507 -3.84 16.56 -12.09
C ALA A 507 -4.83 17.10 -11.08
N TYR A 508 -4.37 17.32 -9.85
CA TYR A 508 -5.25 17.83 -8.79
C TYR A 508 -5.73 19.22 -9.16
N ASP A 509 -7.01 19.48 -8.89
CA ASP A 509 -7.59 20.75 -9.29
C ASP A 509 -8.48 21.37 -8.20
N TRP A 510 -8.63 20.76 -7.01
CA TRP A 510 -9.52 21.34 -5.99
C TRP A 510 -9.02 22.72 -5.56
N GLN A 511 -7.69 22.88 -5.40
CA GLN A 511 -7.07 24.16 -5.15
C GLN A 511 -5.97 24.37 -6.18
N ASN A 512 -5.36 25.56 -6.21
CA ASN A 512 -4.25 25.85 -7.11
C ASN A 512 -2.92 25.64 -6.38
N PRO A 513 -2.23 24.50 -6.56
CA PRO A 513 -1.03 24.21 -5.75
C PRO A 513 0.17 25.10 -6.08
N ASN A 514 0.07 25.89 -7.16
CA ASN A 514 1.13 26.78 -7.54
C ASN A 514 1.31 27.96 -6.58
N ILE A 515 0.35 28.16 -5.67
CA ILE A 515 0.50 29.21 -4.66
C ILE A 515 0.58 28.57 -3.29
N TRP A 516 0.81 27.26 -3.21
CA TRP A 516 0.86 26.64 -1.90
C TRP A 516 2.18 27.01 -1.24
N LYS A 517 2.12 27.05 0.09
CA LYS A 517 3.18 27.58 0.92
C LYS A 517 3.94 26.42 1.58
N ASP A 518 3.54 25.15 1.37
CA ASP A 518 4.18 24.00 2.01
C ASP A 518 4.97 23.16 1.00
N LEU A 519 4.56 23.12 -0.27
CA LEU A 519 5.15 22.13 -1.17
C LEU A 519 6.62 22.41 -1.39
N ASN A 520 7.00 23.67 -1.69
CA ASN A 520 8.40 23.95 -1.99
C ASN A 520 9.32 23.60 -0.81
N SER A 521 8.89 23.89 0.42
CA SER A 521 9.62 23.53 1.63
C SER A 521 9.71 22.02 1.82
N LYS A 522 8.56 21.35 1.70
CA LYS A 522 8.53 19.89 1.87
C LYS A 522 9.48 19.24 0.87
N TYR A 523 9.53 19.78 -0.35
CA TYR A 523 10.41 19.24 -1.37
C TYR A 523 11.87 19.27 -0.91
N VAL A 524 12.31 20.44 -0.45
CA VAL A 524 13.67 20.58 0.00
C VAL A 524 13.98 19.61 1.14
N LEU A 525 13.05 19.52 2.09
CA LEU A 525 13.20 18.66 3.24
C LEU A 525 13.27 17.19 2.86
N LEU A 526 12.51 16.77 1.85
CA LEU A 526 12.58 15.41 1.36
C LEU A 526 13.92 15.12 0.70
N VAL A 527 14.44 16.08 -0.05
CA VAL A 527 15.77 15.91 -0.62
C VAL A 527 16.81 15.63 0.46
N TYR A 528 16.84 16.51 1.47
CA TYR A 528 17.89 16.42 2.47
C TYR A 528 17.67 15.16 3.31
N ARG A 529 16.39 14.84 3.58
CA ARG A 529 16.08 13.59 4.24
C ARG A 529 16.69 12.40 3.54
N ASP A 530 16.52 12.33 2.21
CA ASP A 530 16.91 11.19 1.42
C ASP A 530 18.44 11.08 1.42
N TYR A 531 19.15 12.22 1.49
CA TYR A 531 20.59 12.19 1.71
C TYR A 531 20.96 11.68 3.10
N VAL A 532 20.31 12.17 4.15
CA VAL A 532 20.68 11.79 5.51
C VAL A 532 20.37 10.33 5.79
N LEU A 533 19.16 9.89 5.39
CA LEU A 533 18.74 8.56 5.80
C LEU A 533 19.40 7.49 4.95
N THR A 534 20.15 7.85 3.91
CA THR A 534 20.90 6.86 3.15
C THR A 534 22.40 6.98 3.44
N GLY A 535 22.78 7.67 4.53
CA GLY A 535 24.14 7.55 5.02
C GLY A 535 24.97 8.83 4.82
N LYS A 536 24.39 9.93 4.30
CA LYS A 536 25.15 11.15 4.03
C LYS A 536 26.32 10.90 3.08
N THR A 537 26.14 10.03 2.10
CA THR A 537 27.20 9.73 1.15
C THR A 537 26.85 10.20 -0.25
N ASP A 538 25.54 10.39 -0.55
CA ASP A 538 25.15 10.56 -1.94
C ASP A 538 25.20 12.02 -2.38
N LYS A 539 26.42 12.51 -2.59
CA LYS A 539 26.63 13.88 -3.04
C LYS A 539 26.08 14.05 -4.45
N GLU A 540 26.11 12.99 -5.24
CA GLU A 540 25.61 13.09 -6.62
C GLU A 540 24.12 13.41 -6.62
N PHE A 541 23.36 12.84 -5.68
CA PHE A 541 21.93 13.15 -5.54
C PHE A 541 21.73 14.61 -5.11
N LEU A 542 22.53 15.10 -4.19
CA LEU A 542 22.46 16.51 -3.84
C LEU A 542 22.84 17.40 -5.04
N LYS A 543 23.86 17.01 -5.82
CA LYS A 543 24.22 17.80 -6.99
C LYS A 543 23.10 17.81 -8.03
N TYR A 544 22.41 16.69 -8.27
CA TYR A 544 21.32 16.62 -9.24
C TYR A 544 20.17 17.56 -8.89
N THR A 545 19.88 17.70 -7.59
CA THR A 545 18.69 18.35 -7.08
C THR A 545 18.95 19.78 -6.61
N TRP A 546 20.21 20.24 -6.60
CA TRP A 546 20.56 21.49 -5.91
C TRP A 546 19.92 22.72 -6.56
N LYS A 547 19.95 22.79 -7.88
CA LYS A 547 19.31 23.92 -8.56
C LYS A 547 17.84 23.99 -8.25
N SER A 548 17.14 22.83 -8.29
CA SER A 548 15.73 22.84 -7.95
C SER A 548 15.51 23.28 -6.50
N VAL A 549 16.36 22.85 -5.57
CA VAL A 549 16.24 23.25 -4.17
C VAL A 549 16.35 24.77 -3.99
N LYS A 550 17.38 25.38 -4.62
CA LYS A 550 17.56 26.83 -4.56
C LYS A 550 16.38 27.57 -5.18
N THR A 551 15.95 27.11 -6.36
CA THR A 551 14.82 27.73 -7.04
C THR A 551 13.57 27.66 -6.17
N ALA A 552 13.35 26.49 -5.56
CA ALA A 552 12.15 26.33 -4.75
C ALA A 552 12.13 27.31 -3.57
N LEU A 553 13.26 27.46 -2.86
CA LEU A 553 13.29 28.36 -1.71
C LEU A 553 13.21 29.82 -2.17
N ASP A 554 13.84 30.14 -3.30
CA ASP A 554 13.84 31.50 -3.82
C ASP A 554 12.43 31.93 -4.20
N LYS A 555 11.67 31.03 -4.84
CA LYS A 555 10.29 31.34 -5.20
C LYS A 555 9.38 31.52 -3.99
N LEU A 556 9.58 30.71 -2.97
CA LEU A 556 8.73 30.78 -1.81
C LEU A 556 9.01 32.05 -0.98
N LYS A 557 10.28 32.50 -1.00
CA LYS A 557 10.65 33.74 -0.34
C LYS A 557 9.83 34.92 -0.90
N GLU A 558 9.56 34.92 -2.21
CA GLU A 558 8.79 35.99 -2.84
C GLU A 558 7.38 36.06 -2.28
N MET A 559 6.92 35.02 -1.58
CA MET A 559 5.56 35.06 -1.06
C MET A 559 5.50 35.68 0.33
N ASP A 560 6.64 36.21 0.81
CA ASP A 560 6.67 36.92 2.08
C ASP A 560 6.26 38.37 1.85
N LYS A 561 4.95 38.62 1.96
CA LYS A 561 4.36 39.91 1.63
C LYS A 561 4.70 40.95 2.70
N ASP A 562 4.68 40.54 3.97
CA ASP A 562 4.76 41.48 5.09
C ASP A 562 6.22 41.68 5.56
N ASN A 563 7.17 41.09 4.84
CA ASN A 563 8.60 41.21 5.07
C ASN A 563 9.04 40.82 6.49
N ASP A 564 8.48 39.75 7.07
CA ASP A 564 9.00 39.20 8.32
C ASP A 564 9.94 38.03 8.04
N GLY A 565 10.26 37.78 6.76
CA GLY A 565 11.21 36.72 6.40
C GLY A 565 10.55 35.34 6.17
N ILE A 566 9.21 35.25 6.27
CA ILE A 566 8.48 33.98 6.18
C ILE A 566 7.40 34.07 5.11
N PRO A 567 7.17 33.07 4.25
CA PRO A 567 6.04 33.16 3.33
C PRO A 567 4.71 33.33 4.07
N ASP A 568 3.79 34.13 3.51
CA ASP A 568 2.53 34.42 4.18
C ASP A 568 1.41 33.54 3.64
N ASN A 569 0.68 32.88 4.54
CA ASN A 569 -0.53 32.19 4.10
C ASN A 569 -1.58 33.25 3.81
N GLU A 570 -2.42 33.00 2.81
CA GLU A 570 -3.22 34.07 2.22
C GLU A 570 -4.69 34.03 2.60
N GLY A 571 -5.06 33.51 3.78
CA GLY A 571 -6.45 33.46 4.21
C GLY A 571 -7.29 32.48 3.37
N ILE A 572 -6.62 31.48 2.79
CA ILE A 572 -7.28 30.45 1.99
C ILE A 572 -6.54 29.16 2.29
N PRO A 573 -7.09 27.97 1.93
CA PRO A 573 -6.37 26.71 2.14
C PRO A 573 -5.24 26.50 1.14
N ASP A 574 -4.08 27.13 1.43
CA ASP A 574 -2.94 27.15 0.53
C ASP A 574 -1.83 26.21 1.01
N GLN A 575 -2.19 24.98 1.35
CA GLN A 575 -1.31 23.92 1.83
C GLN A 575 -2.15 22.66 1.99
N THR A 576 -1.51 21.57 2.44
CA THR A 576 -2.03 20.21 2.48
C THR A 576 -3.42 20.15 3.16
N TYR A 577 -3.67 20.95 4.20
CA TYR A 577 -5.00 21.06 4.78
C TYR A 577 -5.84 21.93 3.84
N ASP A 578 -6.29 21.32 2.73
CA ASP A 578 -6.80 22.03 1.57
C ASP A 578 -8.25 22.49 1.74
N THR A 579 -8.84 22.39 2.93
CA THR A 579 -10.06 23.14 3.23
C THR A 579 -9.89 24.00 4.49
N TRP A 580 -8.74 23.94 5.15
CA TRP A 580 -8.50 24.64 6.42
C TRP A 580 -7.66 25.90 6.15
N SER A 581 -8.30 27.08 6.23
CA SER A 581 -7.63 28.35 5.96
C SER A 581 -6.53 28.68 6.96
N MET A 582 -5.42 29.19 6.43
CA MET A 582 -4.37 29.80 7.22
C MET A 582 -4.12 31.21 6.70
N LYS A 583 -3.73 32.10 7.63
CA LYS A 583 -3.54 33.49 7.33
C LYS A 583 -2.37 34.07 8.13
N GLY A 584 -1.46 34.72 7.41
CA GLY A 584 -0.30 35.37 7.99
C GLY A 584 0.86 34.37 8.07
N THR A 585 1.55 34.35 9.21
CA THR A 585 2.50 33.29 9.48
C THR A 585 1.79 32.14 10.18
N SER A 586 2.02 30.90 9.70
CA SER A 586 1.46 29.73 10.36
C SER A 586 2.56 28.91 11.00
N ALA A 587 2.20 28.21 12.08
CA ALA A 587 3.11 27.29 12.75
C ALA A 587 3.54 26.22 11.74
N TYR A 588 2.58 25.69 11.00
CA TYR A 588 2.87 24.58 10.08
C TYR A 588 3.79 25.00 8.94
N CYS A 589 3.38 25.98 8.11
CA CYS A 589 4.19 26.35 6.96
C CYS A 589 5.46 27.06 7.40
N GLY A 590 5.38 27.78 8.53
CA GLY A 590 6.50 28.56 9.03
C GLY A 590 7.59 27.65 9.53
N SER A 591 7.18 26.60 10.25
CA SER A 591 8.16 25.69 10.81
C SER A 591 8.80 24.90 9.67
N LEU A 592 8.03 24.54 8.66
CA LEU A 592 8.58 23.83 7.50
C LEU A 592 9.63 24.68 6.77
N TRP A 593 9.34 25.97 6.60
CA TRP A 593 10.23 26.92 5.98
C TRP A 593 11.54 27.03 6.76
N LEU A 594 11.43 27.18 8.09
CA LEU A 594 12.63 27.27 8.92
C LEU A 594 13.53 26.06 8.68
N ALA A 595 12.95 24.85 8.74
CA ALA A 595 13.72 23.62 8.60
C ALA A 595 14.29 23.49 7.20
N ALA A 596 13.54 23.91 6.18
CA ALA A 596 14.01 23.83 4.80
C ALA A 596 15.21 24.77 4.58
N LEU A 597 15.18 25.97 5.19
CA LEU A 597 16.33 26.88 5.13
C LEU A 597 17.53 26.26 5.80
N LYS A 598 17.32 25.60 6.94
CA LYS A 598 18.42 24.97 7.67
C LYS A 598 19.03 23.84 6.83
N ALA A 599 18.17 23.04 6.17
CA ALA A 599 18.62 21.98 5.27
C ALA A 599 19.42 22.53 4.09
N ALA A 600 18.92 23.62 3.48
CA ALA A 600 19.57 24.16 2.29
C ALA A 600 20.91 24.76 2.69
N GLN A 601 20.99 25.33 3.90
CA GLN A 601 22.29 25.78 4.40
C GLN A 601 23.28 24.62 4.46
N GLU A 602 22.80 23.47 4.97
CA GLU A 602 23.65 22.31 5.11
C GLU A 602 24.12 21.83 3.75
N ILE A 603 23.20 21.74 2.77
CA ILE A 603 23.54 21.28 1.44
C ILE A 603 24.58 22.24 0.84
N GLY A 604 24.34 23.54 1.02
CA GLY A 604 25.28 24.58 0.63
C GLY A 604 26.70 24.28 1.12
N LYS A 605 26.82 23.92 2.39
CA LYS A 605 28.11 23.56 2.97
C LYS A 605 28.69 22.34 2.29
N VAL A 606 27.89 21.26 2.19
CA VAL A 606 28.36 20.05 1.54
C VAL A 606 28.86 20.34 0.11
N LEU A 607 28.11 21.15 -0.66
CA LEU A 607 28.38 21.34 -2.07
C LEU A 607 29.35 22.52 -2.29
N LYS A 608 29.78 23.19 -1.22
CA LYS A 608 30.69 24.34 -1.32
C LYS A 608 30.08 25.49 -2.12
N ASP A 609 28.82 25.83 -1.83
CA ASP A 609 28.10 26.91 -2.44
C ASP A 609 27.96 27.99 -1.38
N ASN A 610 29.01 28.84 -1.28
CA ASN A 610 29.07 29.81 -0.20
C ASN A 610 27.93 30.82 -0.29
N GLU A 611 27.63 31.31 -1.49
CA GLU A 611 26.59 32.32 -1.61
C GLU A 611 25.24 31.80 -1.13
N ALA A 612 24.92 30.55 -1.42
CA ALA A 612 23.67 29.98 -0.92
C ALA A 612 23.71 29.83 0.59
N TYR A 613 24.79 29.26 1.12
CA TYR A 613 24.94 29.12 2.55
C TYR A 613 24.70 30.46 3.25
N ILE A 614 25.35 31.53 2.74
CA ILE A 614 25.28 32.82 3.42
C ILE A 614 23.84 33.35 3.34
N LYS A 615 23.25 33.22 2.15
CA LYS A 615 21.91 33.77 1.95
C LYS A 615 20.88 33.03 2.81
N TYR A 616 20.90 31.68 2.75
CA TYR A 616 19.90 30.93 3.49
C TYR A 616 20.10 31.11 5.00
N ASN A 617 21.33 31.29 5.45
CA ASN A 617 21.60 31.52 6.86
C ASN A 617 20.98 32.84 7.30
N GLU A 618 21.12 33.87 6.47
CA GLU A 618 20.58 35.19 6.77
C GLU A 618 19.07 35.07 6.85
N TRP A 619 18.45 34.43 5.83
CA TRP A 619 17.00 34.26 5.81
C TRP A 619 16.53 33.50 7.03
N TYR A 620 17.26 32.45 7.40
CA TYR A 620 16.91 31.62 8.54
C TYR A 620 16.89 32.41 9.85
N LYS A 621 17.92 33.22 10.08
CA LYS A 621 18.05 33.93 11.35
C LYS A 621 16.91 34.92 11.56
N ILE A 622 16.51 35.67 10.54
CA ILE A 622 15.43 36.63 10.62
C ILE A 622 14.10 35.89 10.83
N ALA A 623 13.89 34.85 10.00
CA ALA A 623 12.66 34.10 10.07
C ALA A 623 12.49 33.40 11.42
N GLN A 624 13.56 32.84 11.97
CA GLN A 624 13.49 32.11 13.24
C GLN A 624 13.09 33.04 14.39
N GLN A 625 13.69 34.23 14.42
CA GLN A 625 13.40 35.24 15.44
C GLN A 625 11.94 35.66 15.37
N ASN A 626 11.47 35.98 14.15
CA ASN A 626 10.10 36.42 13.93
C ASN A 626 9.07 35.33 14.17
N PHE A 627 9.40 34.07 13.82
CA PHE A 627 8.50 32.97 14.07
C PHE A 627 8.23 32.84 15.58
N GLU A 628 9.27 32.90 16.40
CA GLU A 628 9.14 32.73 17.84
C GLU A 628 8.29 33.87 18.39
N LYS A 629 8.59 35.10 17.98
CA LYS A 629 7.90 36.28 18.50
C LYS A 629 6.43 36.24 18.09
N GLU A 630 6.14 35.87 16.83
CA GLU A 630 4.79 35.90 16.33
C GLU A 630 3.93 34.81 16.96
N LEU A 631 4.49 33.64 17.26
CA LEU A 631 3.63 32.49 17.49
C LEU A 631 3.76 31.87 18.87
N TRP A 632 4.89 32.03 19.54
CA TRP A 632 5.06 31.37 20.83
C TRP A 632 4.19 32.05 21.90
N ASN A 633 3.32 31.29 22.57
CA ASN A 633 2.35 31.90 23.48
C ASN A 633 2.62 31.55 24.93
N GLY A 634 3.68 30.79 25.22
CA GLY A 634 4.01 30.34 26.57
C GLY A 634 3.74 28.85 26.82
N GLU A 635 2.81 28.25 26.08
CA GLU A 635 2.45 26.85 26.24
C GLU A 635 2.65 26.06 24.95
N TYR A 636 2.34 26.68 23.82
CA TYR A 636 2.46 26.06 22.51
C TYR A 636 2.64 27.17 21.47
N TYR A 637 2.72 26.77 20.20
CA TYR A 637 2.80 27.70 19.09
C TYR A 637 1.42 27.87 18.50
N ASN A 638 0.99 29.14 18.33
CA ASN A 638 -0.33 29.43 17.80
C ASN A 638 -0.48 28.85 16.40
N PHE A 639 -1.71 28.52 16.02
CA PHE A 639 -1.98 28.00 14.69
C PHE A 639 -1.45 28.99 13.66
N ASP A 640 -1.73 30.28 13.82
CA ASP A 640 -1.28 31.26 12.86
C ASP A 640 -1.38 32.65 13.52
N THR A 641 -1.10 33.70 12.75
CA THR A 641 -1.07 35.05 13.29
C THR A 641 -2.36 35.84 13.00
N GLU A 642 -3.21 35.44 12.04
CA GLU A 642 -4.30 36.33 11.61
C GLU A 642 -5.68 35.66 11.46
N SER A 643 -5.78 34.34 11.61
CA SER A 643 -7.07 33.66 11.49
C SER A 643 -7.91 33.89 12.74
N ASP A 644 -9.22 33.67 12.61
CA ASP A 644 -10.16 33.77 13.71
C ASP A 644 -9.88 32.65 14.72
N HIS A 645 -9.35 31.56 14.20
CA HIS A 645 -9.06 30.36 14.96
C HIS A 645 -7.58 30.31 15.34
N LYS A 646 -6.94 31.48 15.49
CA LYS A 646 -5.49 31.57 15.48
C LYS A 646 -4.87 30.89 16.71
N ASP A 647 -5.59 30.75 17.83
CA ASP A 647 -5.01 30.16 19.04
C ASP A 647 -5.38 28.67 19.17
N SER A 648 -5.89 28.09 18.09
CA SER A 648 -6.02 26.64 18.05
C SER A 648 -4.68 25.94 18.28
N ILE A 649 -4.74 24.78 18.94
CA ILE A 649 -3.63 23.88 19.13
C ILE A 649 -3.69 22.90 17.96
N MET A 650 -2.70 23.00 17.06
CA MET A 650 -2.63 22.19 15.85
C MET A 650 -1.69 21.00 16.10
N ALA A 651 -2.13 19.78 15.76
CA ALA A 651 -1.32 18.60 16.02
C ALA A 651 0.00 18.68 15.27
N ASP A 652 -0.03 19.27 14.07
CA ASP A 652 1.11 19.29 13.17
C ASP A 652 1.85 20.64 13.27
N GLN A 653 1.65 21.39 14.36
CA GLN A 653 2.22 22.72 14.47
C GLN A 653 3.74 22.76 14.34
N LEU A 654 4.47 21.69 14.70
CA LEU A 654 5.93 21.69 14.68
C LEU A 654 6.53 20.73 13.66
N ALA A 655 5.83 20.54 12.55
CA ALA A 655 6.25 19.62 11.49
C ALA A 655 7.69 19.89 11.03
N GLY A 656 8.08 21.15 10.91
CA GLY A 656 9.45 21.50 10.57
C GLY A 656 10.47 20.97 11.59
N GLN A 657 10.18 21.10 12.88
CA GLN A 657 11.14 20.61 13.87
C GLN A 657 11.23 19.08 13.86
N TRP A 658 10.08 18.42 13.61
CA TRP A 658 10.03 16.96 13.46
C TRP A 658 11.05 16.51 12.42
N TYR A 659 10.93 17.06 11.20
CA TYR A 659 11.90 16.76 10.16
C TYR A 659 13.31 17.18 10.53
N ALA A 660 13.50 18.34 11.16
CA ALA A 660 14.86 18.73 11.58
C ALA A 660 15.50 17.69 12.50
N ASP A 661 14.72 17.07 13.41
CA ASP A 661 15.23 15.95 14.22
C ASP A 661 15.75 14.79 13.35
N ILE A 662 14.94 14.40 12.36
CA ILE A 662 15.25 13.27 11.49
C ILE A 662 16.49 13.56 10.67
N LEU A 663 16.60 14.81 10.23
CA LEU A 663 17.66 15.29 9.36
C LEU A 663 18.91 15.69 10.16
N ARG A 664 18.84 15.58 11.50
CA ARG A 664 19.97 15.96 12.37
C ARG A 664 20.39 17.42 12.17
N LEU A 665 19.42 18.34 12.06
CA LEU A 665 19.68 19.73 11.80
C LEU A 665 19.65 20.53 13.12
N GLY A 666 19.31 19.85 14.22
CA GLY A 666 19.32 20.43 15.56
C GLY A 666 18.05 21.21 15.87
N ASP A 667 18.19 22.20 16.76
CA ASP A 667 17.04 22.91 17.29
C ASP A 667 16.73 24.07 16.35
N ILE A 668 15.59 24.05 15.69
CA ILE A 668 15.17 25.24 14.99
C ILE A 668 14.39 26.11 15.97
N LEU A 669 13.84 25.46 17.00
CA LEU A 669 13.07 26.12 18.04
C LEU A 669 13.60 25.63 19.38
N PRO A 670 13.44 26.43 20.45
CA PRO A 670 14.00 26.06 21.75
C PRO A 670 13.44 24.72 22.23
N LYS A 671 14.33 23.88 22.73
CA LYS A 671 13.99 22.56 23.24
C LYS A 671 12.84 22.61 24.27
N ASP A 672 12.90 23.57 25.19
CA ASP A 672 11.90 23.68 26.23
C ASP A 672 10.56 24.01 25.60
N HIS A 673 10.53 24.86 24.57
CA HIS A 673 9.27 25.21 23.93
C HIS A 673 8.70 24.01 23.16
N VAL A 674 9.57 23.28 22.45
CA VAL A 674 9.11 22.10 21.73
C VAL A 674 8.48 21.10 22.71
N GLN A 675 9.12 20.89 23.85
CA GLN A 675 8.64 19.95 24.84
C GLN A 675 7.26 20.37 25.37
N LYS A 676 7.10 21.66 25.67
CA LYS A 676 5.84 22.17 26.19
C LYS A 676 4.75 21.97 25.14
N ALA A 677 5.10 22.22 23.87
CA ALA A 677 4.14 22.13 22.78
C ALA A 677 3.65 20.68 22.62
N LEU A 678 4.60 19.73 22.63
CA LEU A 678 4.24 18.32 22.46
C LEU A 678 3.37 17.86 23.63
N LYS A 679 3.75 18.29 24.85
CA LYS A 679 2.96 17.94 26.04
C LYS A 679 1.53 18.46 25.93
N LYS A 680 1.38 19.69 25.42
CA LYS A 680 0.08 20.30 25.23
C LYS A 680 -0.73 19.49 24.20
N ILE A 681 -0.10 19.12 23.08
CA ILE A 681 -0.81 18.38 22.05
C ILE A 681 -1.28 17.01 22.60
N TYR A 682 -0.42 16.32 23.35
CA TYR A 682 -0.79 15.06 24.01
C TYR A 682 -1.96 15.26 24.99
N GLU A 683 -1.86 16.27 25.86
CA GLU A 683 -2.87 16.54 26.87
C GLU A 683 -4.22 16.96 26.26
N PHE A 684 -4.19 17.66 25.11
CA PHE A 684 -5.38 18.19 24.48
C PHE A 684 -5.80 17.32 23.29
N ASN A 685 -5.07 17.44 22.17
CA ASN A 685 -5.46 16.85 20.88
C ASN A 685 -5.58 15.32 20.98
N VAL A 686 -4.79 14.68 21.82
CA VAL A 686 -4.93 13.26 22.02
C VAL A 686 -5.88 12.98 23.19
N MET A 687 -5.49 13.38 24.40
CA MET A 687 -6.14 12.87 25.59
C MET A 687 -7.54 13.44 25.81
N LYS A 688 -7.88 14.59 25.27
CA LYS A 688 -9.25 15.08 25.38
C LYS A 688 -10.11 14.72 24.17
N PHE A 689 -9.56 13.90 23.24
CA PHE A 689 -10.34 13.42 22.10
C PHE A 689 -10.60 11.93 22.31
N GLU A 690 -11.81 11.60 22.77
CA GLU A 690 -12.20 10.23 23.12
C GLU A 690 -11.15 9.53 23.96
N ASN A 691 -10.67 10.21 25.03
CA ASN A 691 -9.78 9.61 26.01
C ASN A 691 -8.51 9.05 25.37
N GLY A 692 -8.06 9.65 24.26
CA GLY A 692 -6.79 9.28 23.64
C GLY A 692 -6.82 7.92 22.93
N LYS A 693 -8.00 7.42 22.58
CA LYS A 693 -8.12 6.08 22.02
C LYS A 693 -8.28 6.11 20.49
N MET A 694 -8.13 7.28 19.85
CA MET A 694 -8.43 7.41 18.43
C MET A 694 -7.41 8.27 17.66
N GLY A 695 -6.26 8.59 18.26
CA GLY A 695 -5.30 9.45 17.60
C GLY A 695 -5.37 10.89 18.08
N ALA A 696 -4.66 11.75 17.35
CA ALA A 696 -4.60 13.18 17.61
C ALA A 696 -5.55 13.89 16.69
N VAL A 697 -6.57 14.57 17.25
CA VAL A 697 -7.39 15.42 16.40
C VAL A 697 -6.56 16.61 15.94
N ASN A 698 -6.85 17.11 14.72
CA ASN A 698 -6.02 18.11 14.06
C ASN A 698 -5.99 19.44 14.82
N GLY A 699 -7.17 19.90 15.24
CA GLY A 699 -7.29 21.21 15.86
C GLY A 699 -8.09 21.14 17.16
N MET A 700 -7.56 21.74 18.21
CA MET A 700 -8.29 21.81 19.46
C MET A 700 -8.20 23.23 20.02
N ARG A 701 -9.33 23.73 20.53
CA ARG A 701 -9.38 25.07 21.12
C ARG A 701 -8.73 24.99 22.50
N PRO A 702 -8.13 26.07 23.02
CA PRO A 702 -7.47 25.97 24.33
C PRO A 702 -8.40 25.73 25.53
N ASP A 703 -9.71 25.85 25.33
CA ASP A 703 -10.65 25.43 26.36
C ASP A 703 -10.94 23.92 26.33
N GLY A 704 -10.26 23.14 25.47
CA GLY A 704 -10.38 21.70 25.51
C GLY A 704 -11.56 21.17 24.68
N ILE A 705 -12.02 21.96 23.70
CA ILE A 705 -13.10 21.60 22.78
C ILE A 705 -12.52 21.51 21.37
N VAL A 706 -12.90 20.46 20.62
CA VAL A 706 -12.44 20.32 19.24
C VAL A 706 -12.79 21.59 18.45
N ASP A 707 -11.81 22.10 17.67
CA ASP A 707 -11.98 23.24 16.78
C ASP A 707 -12.92 22.83 15.65
N GLU A 708 -14.03 23.56 15.51
CA GLU A 708 -15.03 23.23 14.51
C GLU A 708 -15.00 24.22 13.35
N SER A 709 -13.91 24.98 13.20
CA SER A 709 -13.80 25.97 12.13
C SER A 709 -13.77 25.34 10.74
N ASP A 710 -13.36 24.08 10.61
CA ASP A 710 -13.41 23.39 9.32
C ASP A 710 -13.42 21.89 9.59
N ILE A 711 -13.96 21.10 8.67
CA ILE A 711 -13.99 19.65 8.82
C ILE A 711 -12.61 19.09 9.15
N GLN A 712 -11.55 19.62 8.51
CA GLN A 712 -10.22 19.05 8.70
C GLN A 712 -9.71 19.23 10.12
N ALA A 713 -10.11 20.34 10.76
CA ALA A 713 -9.78 20.57 12.14
C ALA A 713 -10.34 19.48 13.05
N GLN A 714 -11.51 18.91 12.68
CA GLN A 714 -12.22 17.95 13.53
C GLN A 714 -11.85 16.50 13.19
N GLU A 715 -10.96 16.32 12.21
CA GLU A 715 -10.50 14.99 11.82
C GLU A 715 -9.17 14.66 12.53
N VAL A 716 -9.01 13.38 12.84
CA VAL A 716 -7.75 12.72 13.04
C VAL A 716 -7.20 12.36 11.67
N TRP A 717 -5.96 12.80 11.38
CA TRP A 717 -5.25 12.30 10.22
C TRP A 717 -4.29 11.20 10.66
N THR A 718 -4.53 9.98 10.22
CA THR A 718 -3.77 8.82 10.64
C THR A 718 -2.26 9.06 10.45
N GLY A 719 -1.86 9.61 9.32
CA GLY A 719 -0.43 9.80 9.07
C GLY A 719 0.20 10.95 9.87
N VAL A 720 -0.59 11.99 10.18
CA VAL A 720 -0.10 13.04 11.04
C VAL A 720 0.07 12.48 12.45
N THR A 721 -0.88 11.67 12.90
CA THR A 721 -0.80 11.07 14.20
C THR A 721 0.45 10.22 14.34
N TYR A 722 0.74 9.36 13.35
CA TYR A 722 1.90 8.52 13.46
C TYR A 722 3.19 9.39 13.43
N ALA A 723 3.19 10.46 12.63
CA ALA A 723 4.34 11.35 12.59
C ALA A 723 4.54 12.04 13.96
N LEU A 724 3.46 12.52 14.56
CA LEU A 724 3.48 13.11 15.88
C LEU A 724 4.04 12.12 16.89
N ALA A 725 3.61 10.85 16.81
CA ALA A 725 4.15 9.82 17.69
C ALA A 725 5.65 9.70 17.51
N SER A 726 6.14 9.69 16.27
CA SER A 726 7.59 9.57 16.11
C SER A 726 8.33 10.77 16.73
N PHE A 727 7.77 11.97 16.58
CA PHE A 727 8.39 13.16 17.12
C PHE A 727 8.49 13.06 18.64
N MET A 728 7.37 12.65 19.25
CA MET A 728 7.34 12.46 20.70
C MET A 728 8.39 11.43 21.12
N LYS A 729 8.48 10.34 20.36
CA LYS A 729 9.49 9.33 20.60
C LYS A 729 10.90 9.94 20.56
N TYR A 730 11.21 10.70 19.52
CA TYR A 730 12.53 11.29 19.40
C TYR A 730 12.81 12.21 20.59
N ARG A 731 11.79 12.91 21.09
CA ARG A 731 11.99 13.86 22.18
C ARG A 731 11.87 13.18 23.55
N GLY A 732 11.91 11.85 23.60
CA GLY A 732 11.94 11.11 24.86
C GLY A 732 10.59 11.01 25.57
N MET A 733 9.50 11.37 24.90
CA MET A 733 8.16 11.16 25.44
C MET A 733 7.66 9.78 24.99
N THR A 734 8.28 8.74 25.51
CA THR A 734 8.07 7.38 25.02
C THR A 734 6.63 6.95 25.25
N GLU A 735 6.15 7.11 26.49
CA GLU A 735 4.80 6.67 26.79
C GLU A 735 3.76 7.44 25.96
N GLU A 736 3.87 8.76 25.90
CA GLU A 736 3.00 9.57 25.08
C GLU A 736 3.05 9.13 23.60
N ALA A 737 4.24 8.89 23.07
CA ALA A 737 4.36 8.51 21.66
C ALA A 737 3.54 7.24 21.37
N TYR A 738 3.76 6.19 22.16
CA TYR A 738 3.08 4.94 21.87
C TYR A 738 1.60 5.01 22.19
N ASN A 739 1.21 5.77 23.24
CA ASN A 739 -0.20 5.97 23.49
C ASN A 739 -0.89 6.64 22.29
N THR A 740 -0.21 7.64 21.69
CA THR A 740 -0.77 8.43 20.60
C THR A 740 -0.97 7.50 19.39
N ALA A 741 0.06 6.73 19.06
CA ALA A 741 -0.01 5.80 17.93
C ALA A 741 -1.01 4.68 18.17
N TYR A 742 -1.10 4.22 19.43
CA TYR A 742 -1.98 3.09 19.75
C TYR A 742 -3.42 3.32 19.29
N GLY A 743 -3.92 4.54 19.44
CA GLY A 743 -5.27 4.88 19.00
C GLY A 743 -5.50 4.61 17.52
N VAL A 744 -4.44 4.77 16.71
CA VAL A 744 -4.56 4.58 15.28
C VAL A 744 -4.62 3.09 15.02
N TYR A 745 -3.72 2.34 15.68
CA TYR A 745 -3.72 0.89 15.57
C TYR A 745 -5.10 0.36 15.97
N LYS A 746 -5.65 0.86 17.09
CA LYS A 746 -6.86 0.26 17.65
C LYS A 746 -8.01 0.47 16.69
N MET A 747 -8.12 1.67 16.15
CA MET A 747 -9.18 2.01 15.21
C MET A 747 -9.06 1.14 13.96
N THR A 748 -7.81 0.84 13.59
CA THR A 748 -7.58 0.21 12.29
C THR A 748 -7.82 -1.28 12.39
N TYR A 749 -7.28 -1.92 13.44
CA TYR A 749 -7.06 -3.36 13.48
C TYR A 749 -7.87 -4.05 14.58
N ASP A 750 -8.28 -3.36 15.66
CA ASP A 750 -8.77 -4.06 16.83
C ASP A 750 -10.28 -4.33 16.71
N LYS A 751 -10.76 -5.31 17.50
CA LYS A 751 -12.19 -5.65 17.47
C LYS A 751 -13.03 -4.48 17.96
N SER A 752 -12.41 -3.59 18.75
CA SER A 752 -13.09 -2.40 19.22
C SER A 752 -13.01 -1.24 18.22
N GLY A 753 -12.34 -1.40 17.07
CA GLY A 753 -12.15 -0.29 16.15
C GLY A 753 -13.23 -0.26 15.09
N LYS A 754 -12.90 0.25 13.90
CA LYS A 754 -13.88 0.47 12.87
C LYS A 754 -13.66 -0.36 11.60
N GLY A 755 -12.75 -1.32 11.63
CA GLY A 755 -12.65 -2.31 10.55
C GLY A 755 -11.95 -1.78 9.30
N TYR A 756 -10.75 -1.20 9.50
CA TYR A 756 -10.08 -0.52 8.40
C TYR A 756 -8.78 -1.25 8.00
N TRP A 757 -8.61 -2.47 8.47
CA TRP A 757 -7.44 -3.27 8.15
C TRP A 757 -7.27 -3.38 6.62
N PHE A 758 -6.05 -3.13 6.17
CA PHE A 758 -5.69 -3.17 4.76
C PHE A 758 -6.48 -2.17 3.91
N ARG A 759 -6.92 -1.06 4.57
CA ARG A 759 -7.47 0.06 3.86
C ARG A 759 -7.41 1.30 4.73
N THR A 760 -6.27 1.48 5.40
CA THR A 760 -6.15 2.54 6.41
C THR A 760 -6.52 3.85 5.76
N PRO A 761 -7.47 4.64 6.33
CA PRO A 761 -7.83 5.88 5.65
C PRO A 761 -7.01 7.11 6.01
N GLU A 762 -7.19 8.17 5.23
CA GLU A 762 -6.57 9.43 5.59
C GLU A 762 -7.06 9.82 7.01
N ALA A 763 -8.39 9.85 7.17
CA ALA A 763 -8.95 10.53 8.32
C ALA A 763 -10.18 9.83 8.90
N TRP A 764 -10.44 10.12 10.19
CA TRP A 764 -11.73 9.78 10.76
C TRP A 764 -12.13 10.90 11.72
N THR A 765 -13.45 11.00 11.92
CA THR A 765 -14.02 11.91 12.92
C THR A 765 -14.32 11.17 14.24
N LYS A 766 -14.80 11.89 15.26
CA LYS A 766 -14.95 11.31 16.58
C LYS A 766 -15.94 10.14 16.59
N ASP A 767 -16.89 10.08 15.64
CA ASP A 767 -17.80 8.94 15.52
C ASP A 767 -17.11 7.71 14.92
N GLY A 768 -15.87 7.88 14.45
CA GLY A 768 -15.12 6.76 13.92
C GLY A 768 -15.29 6.57 12.40
N ASN A 769 -16.24 7.27 11.79
CA ASN A 769 -16.44 7.19 10.36
C ASN A 769 -15.29 7.90 9.61
N TYR A 770 -15.09 7.55 8.31
CA TYR A 770 -13.81 7.85 7.68
C TYR A 770 -13.92 8.68 6.40
N ARG A 771 -12.76 9.19 5.98
CA ARG A 771 -12.59 9.77 4.67
C ARG A 771 -11.33 9.19 4.01
N ALA A 772 -11.54 8.63 2.82
CA ALA A 772 -10.51 8.21 1.86
C ALA A 772 -9.74 7.00 2.38
N SER A 773 -10.35 5.82 2.22
CA SER A 773 -9.76 4.54 2.59
C SER A 773 -8.62 4.25 1.60
N MET A 774 -7.69 3.39 2.02
CA MET A 774 -6.54 3.03 1.19
C MET A 774 -5.71 4.27 0.86
N TYR A 775 -5.06 4.83 1.86
CA TYR A 775 -4.40 6.10 1.77
C TYR A 775 -2.91 5.97 2.05
N MET A 776 -2.10 6.84 1.44
CA MET A 776 -0.66 6.76 1.48
C MET A 776 -0.06 7.26 2.80
N ARG A 777 -0.68 8.30 3.37
CA ARG A 777 -0.13 9.02 4.50
C ARG A 777 0.24 8.15 5.70
N PRO A 778 -0.58 7.17 6.16
CA PRO A 778 -0.22 6.33 7.33
C PRO A 778 1.01 5.46 7.23
N LEU A 779 1.62 5.39 6.04
CA LEU A 779 2.93 4.78 5.93
C LEU A 779 3.95 5.54 6.78
N SER A 780 3.63 6.75 7.22
CA SER A 780 4.45 7.51 8.14
C SER A 780 4.72 6.78 9.47
N ILE A 781 4.02 5.69 9.79
CA ILE A 781 4.39 4.89 10.97
C ILE A 781 5.87 4.48 10.91
N TRP A 782 6.43 4.30 9.72
CA TRP A 782 7.84 3.95 9.61
C TRP A 782 8.81 5.03 10.10
N SER A 783 8.35 6.28 10.20
CA SER A 783 9.18 7.29 10.86
C SER A 783 9.44 6.93 12.33
N MET A 784 8.64 6.05 12.93
CA MET A 784 8.89 5.66 14.31
C MET A 784 10.11 4.75 14.40
N GLU A 785 10.58 4.24 13.27
CA GLU A 785 11.71 3.33 13.24
C GLU A 785 13.02 4.02 12.84
N VAL A 786 13.06 5.33 12.72
CA VAL A 786 14.33 6.01 12.41
C VAL A 786 15.33 5.82 13.58
N ASN A 787 16.55 5.44 13.23
CA ASN A 787 17.51 4.99 14.24
C ASN A 787 18.53 6.09 14.48
N TYR A 788 18.58 6.58 15.73
CA TYR A 788 19.67 7.45 16.17
C TYR A 788 20.64 6.60 16.99
C1 PO8 B . -5.75 14.49 -1.40
C2 PO8 B . -5.09 15.79 -1.85
C3 PO8 B . -4.01 16.27 -0.81
C4 PO8 B . -4.70 16.68 0.49
C5 PO8 B . -5.70 15.63 0.97
C6 PO8 B . -6.53 16.03 2.17
C7 PO8 B . -6.55 15.06 -0.18
O8 PO8 B . -4.56 15.58 -3.13
O9 PO8 B . -3.15 17.35 -1.22
O10 PO8 B . -3.71 16.72 1.54
O11 PO8 B . -7.12 14.80 2.73
N12 PO8 B . -7.48 16.13 -0.55
CA CA C . 5.70 36.93 5.96
C1 GOL D . 10.39 -11.50 -24.53
O1 GOL D . 8.97 -11.54 -24.37
C2 GOL D . 10.68 -10.28 -25.31
O2 GOL D . 9.71 -10.30 -26.34
C3 GOL D . 10.54 -8.99 -24.55
O3 GOL D . 11.75 -8.45 -24.03
C1 GOL E . 14.61 7.94 -16.99
O1 GOL E . 13.44 8.70 -17.25
C2 GOL E . 15.64 8.01 -18.10
O2 GOL E . 15.34 9.06 -19.02
C3 GOL E . 17.05 8.22 -17.61
O3 GOL E . 17.95 8.09 -18.70
CL CL F . -7.35 -0.41 25.38
#